data_8XGR
#
_entry.id   8XGR
#
_cell.length_a   1.00
_cell.length_b   1.00
_cell.length_c   1.00
_cell.angle_alpha   90.00
_cell.angle_beta   90.00
_cell.angle_gamma   90.00
#
_symmetry.space_group_name_H-M   'P 1'
#
loop_
_entity.id
_entity.type
_entity.pdbx_description
1 polymer 'Guanine nucleotide-binding protein G(I)/G(S)/G(O) subunit gamma-2,eGt-alpha'
2 polymer 'Guanine nucleotide-binding protein G(I)/G(S)/G(T) subunit beta-1'
3 polymer 'Camelid antibody VHH fragment'
4 polymer 'Endothelin receptor type B'
5 polymer Endothelin-1
#
loop_
_entity_poly.entity_id
_entity_poly.type
_entity_poly.pdbx_seq_one_letter_code
_entity_poly.pdbx_strand_id
1 'polypeptide(L)'
;MASNNTASIAQARKLVEQLKMEANIDRIKVSKAAADLMAYCEAHAKEDPLLTPVPASENPFREKKFFCAILGSAGSAGSA
MGCTLSAEDKAAVERSKMIDRNLREDGEKAARTVKLLLLGAGESGKSTIVKQMKIIHQDGYSLEECLEFIAIIYGNTLQS
ILAIVRAMTTLNIQYGDSARQDDARKLMHMADTIEEGTMPKEMSDIIQRLWKDSGIQACFDRASEYQLNDSAGYYLSDLE
RLVTPGYVPTEQDVLRSRVKTTGIIETQFSFKDLNFRMFDVGGQRDERRKWIHCFEGVTAIIFCVALSDYDMVLVEDNQT
NRMQESMNLFKSICNNKWFTDTSIILFLNKKDLFEEKIKKSPLTDYYPEYAGSNTYEEAGNYIKVQFLELNMASDVKEIY
SHMTCATDTQNVKFVFDAVTDIIIKENLKDCGLF
;
G
2 'polypeptide(L)'
;GSQLQSELDQLRQEAEQLKNQIRDARKACADATLSQITNNIDPVGRIQMRTRRTLRGHLAKIYAMHWGTDSRLLVSASQD
GKLIIWDSYTTNKVHAIPLRSSWVMTCAYAPSGNYVACGGLDNICSIYNLKTREGNVRVSRELAGHTGYLSCCRFLDDNQ
IVTSSGDTTCALWDIETGQQTTTFTGHTGDVMSLSLAPDTRLFVSGACDASAKLWDVREGMCRQTFTGHESDINAICFFP
NGNAFATGSDDATCRLFDLRADQELMTYSHDNIICGITSVSFSKSGRLLLAGYDDFNCNVWDALKADRAGVLAGHDNRVS
CLGVTDDGMAVATGSWDSFLKIWNGASGGGSGGNSGSSGGSSGVSGWRLFKKIS
;
B
3 'polypeptide(L)'
;MKYLLPTAAAGLLLLAAQPAMAMQVQLQESGGGLVQPGGSLRLSCAASGFTFSNYKMNWVRQAPGKGLQWVSDISQSGAS
ISYTGSVKGRFTISRDDAKNTLYLQMNSLKPADTAVYYCARCPAPFTRDCFDVTSTAYAYRGQGTQVTVSSHHHHHHEPE
A
;
N
4 'polypeptide(L)'
;EERGFPPDRATPLLQTAEIMTPPTKTLWPKGDYKDDDDKLAPAEVPKGDRTAGSPPRTISPPPCQGPIEIKETFKYINTV
VSCLVFVLGIIGNSTLLRIIYKNKCMRNGPNILIASLALGDLLHIVIDIPINVYKLLAEDWPFGAEMCKLVPFIQKASVG
ITVLSLCALSIDRYRAVASWSRIKGIGVPKWTAVEIVLIWVVSVVLAVPEAIGFDIITMDYKGSYLRICLLHPVQKTAFM
QFYKTAKDWWLFSFYFCLPLAITAFFYTLMTCEMLRKKSGMQIALNDHLKQRREVAKTVFCLVLVFALCWLPLHLSRILK
LTLYNQNDPNRCELLSFLLVLDYIGINMASLNSCINPIALYLVSKRFKNCFKSCLCCWCQSFEEKQSLEEKQSCLKFKAN
DHGYDNFRSSNKYSSSGSGGGGSGGSSSGGVFTLEDFVGDWEQTAAYNLDQVLEQGGVSSLLQNLAVSVTPIQRIVRSGE
NALKIDIHVIIPYEGLSADQMAQIEEVFKVVYPVDDHHFKVILPYGTLVIDGVTPNMLNYFGRPYEGIAVFDGKKITVTG
TLWNGNKIIDERLITPDGSMLFRVTINSGGSGGGGSGGSSSGGLEVLFQ
;
R
5 'polypeptide(L)' CSCSSLMDKECVYFCHLDIIW L
#
# COMPACT_ATOMS: atom_id res chain seq x y z
N ILE A 9 -26.45 30.36 22.92
CA ILE A 9 -27.55 30.40 23.92
C ILE A 9 -28.34 29.10 23.89
N ALA A 10 -28.29 28.39 22.76
CA ALA A 10 -29.03 27.14 22.62
C ALA A 10 -28.21 26.06 21.91
N GLN A 11 -26.89 26.20 21.85
CA GLN A 11 -26.04 25.21 21.21
C GLN A 11 -25.70 24.03 22.12
N ALA A 12 -25.58 24.28 23.43
CA ALA A 12 -25.33 23.22 24.40
C ALA A 12 -26.35 23.25 25.54
N ARG A 13 -27.33 24.15 25.49
CA ARG A 13 -28.40 24.14 26.48
C ARG A 13 -29.14 22.81 26.48
N LYS A 14 -29.13 22.10 25.36
CA LYS A 14 -29.69 20.76 25.33
C LYS A 14 -28.75 19.76 25.97
N LEU A 15 -27.44 19.93 25.78
CA LEU A 15 -26.47 19.02 26.37
C LEU A 15 -26.53 19.04 27.89
N VAL A 16 -26.61 20.23 28.49
CA VAL A 16 -26.69 20.31 29.94
C VAL A 16 -27.93 19.58 30.44
N GLU A 17 -29.03 19.66 29.69
CA GLU A 17 -30.20 18.85 30.03
C GLU A 17 -29.90 17.37 29.89
N GLN A 18 -29.12 16.99 28.88
CA GLN A 18 -28.76 15.58 28.72
C GLN A 18 -27.91 15.09 29.89
N LEU A 19 -26.90 15.87 30.29
CA LEU A 19 -26.02 15.42 31.36
C LEU A 19 -26.80 15.17 32.65
N LYS A 20 -27.83 15.97 32.91
CA LYS A 20 -28.68 15.70 34.06
C LYS A 20 -29.42 14.38 33.91
N MET A 21 -29.78 14.00 32.68
CA MET A 21 -30.41 12.71 32.45
C MET A 21 -29.46 11.55 32.74
N GLU A 22 -28.15 11.79 32.66
CA GLU A 22 -27.16 10.77 32.96
C GLU A 22 -26.74 10.78 34.43
N ALA A 23 -27.22 11.73 35.22
CA ALA A 23 -26.77 11.90 36.60
C ALA A 23 -27.58 11.07 37.59
N ASN A 24 -28.91 11.19 37.54
CA ASN A 24 -29.78 10.47 38.47
C ASN A 24 -29.93 9.02 37.99
N ILE A 25 -28.84 8.27 38.13
CA ILE A 25 -28.76 6.90 37.65
C ILE A 25 -28.45 6.00 38.84
N ASP A 26 -29.25 4.94 38.99
CA ASP A 26 -28.95 3.92 39.99
C ASP A 26 -27.80 3.05 39.47
N ARG A 27 -26.65 3.12 40.14
CA ARG A 27 -25.42 2.53 39.64
C ARG A 27 -24.98 1.41 40.57
N ILE A 28 -24.83 0.22 40.02
CA ILE A 28 -24.21 -0.90 40.72
C ILE A 28 -22.73 -0.88 40.35
N LYS A 29 -21.87 -0.71 41.37
CA LYS A 29 -20.47 -0.40 41.15
C LYS A 29 -19.65 -1.65 40.89
N VAL A 30 -18.35 -1.43 40.61
CA VAL A 30 -17.47 -2.46 40.08
C VAL A 30 -17.42 -3.68 40.99
N SER A 31 -17.66 -3.49 42.29
CA SER A 31 -17.62 -4.62 43.21
C SER A 31 -18.96 -5.34 43.26
N LYS A 32 -19.69 -5.26 42.15
CA LYS A 32 -20.71 -6.25 41.84
C LYS A 32 -20.76 -6.53 40.33
N ALA A 33 -20.21 -5.61 39.54
CA ALA A 33 -20.21 -5.73 38.08
C ALA A 33 -19.14 -6.69 37.56
N ALA A 34 -17.98 -6.72 38.20
CA ALA A 34 -16.98 -7.73 37.85
C ALA A 34 -17.52 -9.13 38.12
N ALA A 35 -18.22 -9.31 39.25
CA ALA A 35 -18.91 -10.57 39.49
C ALA A 35 -20.00 -10.81 38.45
N ASP A 36 -20.68 -9.75 38.01
CA ASP A 36 -21.68 -9.90 36.96
C ASP A 36 -21.03 -10.43 35.67
N LEU A 37 -19.95 -9.79 35.24
CA LEU A 37 -19.20 -10.33 34.10
C LEU A 37 -18.61 -11.70 34.44
N MET A 38 -18.08 -11.83 35.65
CA MET A 38 -17.42 -13.09 36.08
C MET A 38 -18.47 -14.20 36.10
N ALA A 39 -19.68 -13.94 36.62
CA ALA A 39 -20.70 -14.98 36.76
C ALA A 39 -21.18 -15.45 35.40
N TYR A 40 -21.43 -14.52 34.47
CA TYR A 40 -21.91 -14.92 33.15
C TYR A 40 -20.87 -15.72 32.40
N CYS A 41 -19.63 -15.22 32.33
CA CYS A 41 -18.61 -15.86 31.50
C CYS A 41 -18.00 -17.10 32.14
N GLU A 42 -18.31 -17.39 33.41
CA GLU A 42 -17.91 -18.65 34.02
C GLU A 42 -18.99 -19.70 33.91
N ALA A 43 -20.25 -19.30 33.99
CA ALA A 43 -21.36 -20.23 33.79
C ALA A 43 -21.54 -20.58 32.31
N HIS A 44 -21.14 -19.70 31.41
CA HIS A 44 -21.23 -19.94 29.97
C HIS A 44 -19.90 -20.39 29.38
N ALA A 45 -18.90 -20.67 30.23
CA ALA A 45 -17.61 -21.12 29.72
C ALA A 45 -17.71 -22.52 29.14
N LYS A 46 -18.65 -23.33 29.62
CA LYS A 46 -18.79 -24.70 29.15
C LYS A 46 -19.31 -24.76 27.72
N GLU A 47 -19.87 -23.67 27.21
CA GLU A 47 -20.48 -23.66 25.87
C GLU A 47 -19.69 -22.83 24.87
N ASP A 48 -18.53 -22.29 25.24
CA ASP A 48 -17.75 -21.45 24.33
C ASP A 48 -16.82 -22.31 23.51
N PRO A 49 -17.01 -22.42 22.18
CA PRO A 49 -16.09 -23.23 21.38
C PRO A 49 -14.67 -22.71 21.33
N LEU A 50 -14.46 -21.39 21.41
CA LEU A 50 -13.13 -20.84 21.31
C LEU A 50 -12.36 -20.95 22.62
N LEU A 51 -13.03 -20.66 23.74
CA LEU A 51 -12.38 -20.82 25.04
C LEU A 51 -12.04 -22.28 25.31
N THR A 52 -12.96 -23.19 24.99
CA THR A 52 -12.76 -24.61 25.18
C THR A 52 -12.96 -25.33 23.85
N PRO A 53 -12.05 -26.21 23.43
CA PRO A 53 -12.24 -26.90 22.15
C PRO A 53 -13.52 -27.72 22.14
N VAL A 54 -14.37 -27.43 21.17
CA VAL A 54 -15.62 -28.18 20.98
C VAL A 54 -15.26 -29.59 20.53
N PRO A 55 -15.98 -30.62 21.00
CA PRO A 55 -15.65 -32.00 20.60
C PRO A 55 -15.38 -32.14 19.10
N ALA A 56 -14.45 -33.03 18.75
CA ALA A 56 -14.05 -33.19 17.36
C ALA A 56 -15.21 -33.63 16.48
N SER A 57 -16.20 -34.33 17.03
CA SER A 57 -17.33 -34.79 16.22
C SER A 57 -18.19 -33.62 15.76
N GLU A 58 -18.46 -32.67 16.64
CA GLU A 58 -19.32 -31.54 16.30
C GLU A 58 -18.61 -30.47 15.50
N ASN A 59 -17.29 -30.50 15.43
CA ASN A 59 -16.55 -29.52 14.64
C ASN A 59 -16.44 -30.01 13.20
N PRO A 60 -17.09 -29.35 12.24
CA PRO A 60 -17.06 -29.86 10.86
C PRO A 60 -15.74 -29.64 10.14
N PHE A 61 -14.84 -28.82 10.68
CA PHE A 61 -13.56 -28.56 10.05
C PHE A 61 -12.44 -29.31 10.77
N ALA A 87 -26.92 -33.04 -4.21
CA ALA A 87 -27.87 -32.80 -5.34
C ALA A 87 -27.85 -31.33 -5.73
N GLU A 88 -28.40 -30.48 -4.85
CA GLU A 88 -28.39 -29.05 -5.12
C GLU A 88 -26.98 -28.46 -5.03
N ASP A 89 -26.13 -29.01 -4.15
CA ASP A 89 -24.80 -28.47 -3.96
C ASP A 89 -23.97 -28.59 -5.24
N LYS A 90 -23.94 -29.78 -5.83
CA LYS A 90 -23.18 -29.95 -7.07
C LYS A 90 -23.66 -28.98 -8.14
N ALA A 91 -24.96 -28.70 -8.19
CA ALA A 91 -25.45 -27.60 -9.00
C ALA A 91 -24.90 -26.27 -8.48
N ALA A 92 -24.85 -26.11 -7.17
CA ALA A 92 -24.31 -24.89 -6.58
C ALA A 92 -22.85 -24.70 -6.96
N VAL A 93 -22.08 -25.80 -6.98
CA VAL A 93 -20.71 -25.72 -7.44
C VAL A 93 -20.67 -25.16 -8.86
N GLU A 94 -21.72 -25.39 -9.63
CA GLU A 94 -21.81 -24.81 -10.98
C GLU A 94 -22.16 -23.33 -10.92
N ARG A 95 -23.04 -22.93 -10.00
CA ARG A 95 -23.34 -21.51 -9.86
C ARG A 95 -22.10 -20.72 -9.48
N SER A 96 -21.29 -21.26 -8.57
CA SER A 96 -20.10 -20.55 -8.12
C SER A 96 -19.16 -20.28 -9.29
N LYS A 97 -18.97 -21.29 -10.15
CA LYS A 97 -18.08 -21.09 -11.30
C LYS A 97 -18.60 -19.99 -12.22
N MET A 98 -19.89 -20.05 -12.57
CA MET A 98 -20.46 -19.01 -13.43
C MET A 98 -20.40 -17.65 -12.75
N ILE A 99 -20.70 -17.61 -11.45
CA ILE A 99 -20.57 -16.36 -10.70
C ILE A 99 -19.12 -15.90 -10.71
N ASP A 100 -18.19 -16.83 -10.47
CA ASP A 100 -16.77 -16.49 -10.49
C ASP A 100 -16.27 -16.17 -11.89
N ARG A 101 -17.02 -16.52 -12.92
CA ARG A 101 -16.62 -16.21 -14.29
C ARG A 101 -16.85 -14.73 -14.59
N ASN A 102 -18.05 -14.24 -14.34
CA ASN A 102 -18.38 -12.85 -14.67
C ASN A 102 -17.58 -11.86 -13.84
N LEU A 103 -17.08 -12.27 -12.67
CA LEU A 103 -16.22 -11.39 -11.89
C LEU A 103 -14.96 -11.02 -12.67
N ARG A 104 -14.36 -12.01 -13.34
CA ARG A 104 -13.18 -11.71 -14.16
C ARG A 104 -13.55 -10.77 -15.30
N GLU A 105 -14.67 -11.03 -15.98
CA GLU A 105 -15.09 -10.14 -17.05
C GLU A 105 -15.48 -8.76 -16.52
N ASP A 106 -16.17 -8.72 -15.40
CA ASP A 106 -16.50 -7.42 -14.81
C ASP A 106 -15.24 -6.66 -14.41
N GLY A 107 -14.24 -7.37 -13.88
CA GLY A 107 -12.97 -6.73 -13.56
C GLY A 107 -12.21 -6.23 -14.77
N GLU A 108 -12.53 -6.75 -15.96
CA GLU A 108 -11.82 -6.34 -17.16
C GLU A 108 -11.98 -4.84 -17.40
N LYS A 109 -13.22 -4.34 -17.32
CA LYS A 109 -13.45 -2.91 -17.50
C LYS A 109 -12.71 -2.10 -16.44
N ALA A 110 -12.83 -2.50 -15.17
CA ALA A 110 -12.17 -1.78 -14.10
C ALA A 110 -10.65 -1.82 -14.25
N ALA A 111 -10.12 -2.91 -14.80
CA ALA A 111 -8.68 -3.00 -15.00
C ALA A 111 -8.17 -1.89 -15.93
N ARG A 112 -8.91 -1.61 -16.99
CA ARG A 112 -8.51 -0.62 -17.97
C ARG A 112 -9.03 0.77 -17.65
N THR A 113 -9.68 0.95 -16.50
CA THR A 113 -10.26 2.24 -16.14
C THR A 113 -9.20 3.16 -15.53
N VAL A 114 -9.20 4.41 -15.97
CA VAL A 114 -8.32 5.43 -15.41
C VAL A 114 -9.10 6.13 -14.31
N LYS A 115 -8.84 5.74 -13.07
CA LYS A 115 -9.53 6.34 -11.94
C LYS A 115 -8.92 7.70 -11.62
N LEU A 116 -9.78 8.66 -11.31
CA LEU A 116 -9.37 10.01 -10.97
C LEU A 116 -10.25 10.51 -9.82
N LEU A 117 -9.77 11.57 -9.16
CA LEU A 117 -10.62 12.33 -8.26
C LEU A 117 -10.20 13.79 -8.32
N LEU A 118 -11.17 14.67 -8.07
CA LEU A 118 -10.93 16.13 -8.00
C LEU A 118 -11.52 16.59 -6.67
N LEU A 119 -10.74 17.28 -5.84
CA LEU A 119 -11.20 17.74 -4.50
C LEU A 119 -11.75 19.16 -4.66
N GLY A 120 -10.90 20.13 -5.03
CA GLY A 120 -11.33 21.49 -5.29
C GLY A 120 -11.96 22.21 -4.12
N ALA A 121 -11.82 21.64 -2.92
CA ALA A 121 -12.33 22.27 -1.70
C ALA A 121 -13.83 22.58 -1.81
N GLY A 122 -14.55 21.77 -2.58
CA GLY A 122 -15.97 21.96 -2.72
C GLY A 122 -16.34 22.93 -3.83
N GLU A 123 -16.63 24.17 -3.46
CA GLU A 123 -17.03 25.18 -4.45
C GLU A 123 -15.85 25.53 -5.34
N SER A 124 -16.01 25.29 -6.64
CA SER A 124 -14.99 25.58 -7.64
C SER A 124 -15.61 25.40 -9.01
N GLY A 125 -14.80 25.56 -10.05
CA GLY A 125 -15.27 25.35 -11.41
C GLY A 125 -15.43 23.88 -11.76
N LYS A 126 -16.21 23.16 -10.96
CA LYS A 126 -16.40 21.73 -11.22
C LYS A 126 -17.37 21.48 -12.36
N SER A 127 -18.36 22.37 -12.56
CA SER A 127 -19.36 22.13 -13.58
C SER A 127 -18.75 22.15 -14.98
N THR A 128 -17.95 23.17 -15.29
CA THR A 128 -17.38 23.28 -16.62
C THR A 128 -16.44 22.13 -16.92
N ILE A 129 -15.58 21.77 -15.97
CA ILE A 129 -14.58 20.73 -16.22
C ILE A 129 -15.25 19.38 -16.46
N VAL A 130 -16.25 19.03 -15.64
CA VAL A 130 -16.94 17.76 -15.82
C VAL A 130 -17.86 17.76 -17.03
N LYS A 131 -18.11 18.92 -17.62
CA LYS A 131 -18.95 19.04 -18.80
C LYS A 131 -18.16 18.96 -20.10
N GLN A 132 -17.09 19.73 -20.22
CA GLN A 132 -16.26 19.72 -21.43
C GLN A 132 -17.12 19.94 -22.68
N ILE A 264 -21.28 10.66 -3.17
CA ILE A 264 -20.44 10.42 -4.33
C ILE A 264 -21.25 10.61 -5.62
N ILE A 265 -20.71 11.39 -6.53
CA ILE A 265 -21.31 11.61 -7.85
C ILE A 265 -20.23 11.25 -8.87
N GLU A 266 -20.24 10.00 -9.33
CA GLU A 266 -19.21 9.48 -10.21
C GLU A 266 -19.68 9.61 -11.65
N THR A 267 -19.08 10.53 -12.39
CA THR A 267 -19.33 10.66 -13.82
C THR A 267 -18.38 9.71 -14.57
N GLN A 268 -18.41 9.76 -15.90
CA GLN A 268 -17.56 8.89 -16.71
C GLN A 268 -17.09 9.67 -17.93
N PHE A 269 -15.99 9.19 -18.50
CA PHE A 269 -15.40 9.82 -19.68
C PHE A 269 -14.41 8.84 -20.30
N SER A 270 -14.45 8.71 -21.62
CA SER A 270 -13.55 7.81 -22.38
C SER A 270 -12.96 8.60 -23.54
N PHE A 271 -11.68 8.39 -23.85
CA PHE A 271 -10.99 9.12 -24.92
C PHE A 271 -9.72 8.36 -25.29
N LYS A 272 -9.48 8.21 -26.59
CA LYS A 272 -8.27 7.57 -27.10
C LYS A 272 -8.05 6.21 -26.44
N ASP A 273 -9.10 5.39 -26.44
CA ASP A 273 -9.09 3.97 -26.05
C ASP A 273 -9.06 3.77 -24.54
N LEU A 274 -9.22 4.82 -23.74
CA LEU A 274 -9.23 4.69 -22.29
C LEU A 274 -10.62 4.98 -21.73
N ASN A 275 -10.79 4.63 -20.45
CA ASN A 275 -12.07 4.80 -19.74
C ASN A 275 -11.80 5.58 -18.46
N PHE A 276 -11.83 6.90 -18.54
CA PHE A 276 -11.72 7.73 -17.34
C PHE A 276 -12.96 7.55 -16.48
N ARG A 277 -12.76 7.52 -15.16
CA ARG A 277 -13.86 7.46 -14.20
C ARG A 277 -13.61 8.56 -13.17
N MET A 278 -14.05 9.77 -13.50
CA MET A 278 -13.86 10.95 -12.62
C MET A 278 -14.75 10.79 -11.39
N PHE A 279 -14.23 11.10 -10.21
CA PHE A 279 -14.93 10.98 -8.94
C PHE A 279 -14.93 12.34 -8.26
N ASP A 280 -16.12 12.85 -7.95
CA ASP A 280 -16.29 14.14 -7.29
C ASP A 280 -17.00 13.91 -5.96
N VAL A 281 -16.38 14.38 -4.88
CA VAL A 281 -16.97 14.30 -3.54
C VAL A 281 -17.01 15.73 -3.00
N GLY A 282 -18.13 16.41 -3.22
CA GLY A 282 -18.37 17.71 -2.63
C GLY A 282 -19.54 17.67 -1.66
N GLY A 283 -20.24 16.54 -1.63
CA GLY A 283 -21.39 16.36 -0.76
C GLY A 283 -21.08 15.81 0.61
N GLN A 284 -19.81 15.64 0.95
CA GLN A 284 -19.42 15.13 2.25
C GLN A 284 -19.09 16.29 3.19
N ARG A 285 -18.95 15.96 4.47
CA ARG A 285 -18.53 16.95 5.45
C ARG A 285 -17.03 17.19 5.36
N ASP A 286 -16.59 18.26 6.03
CA ASP A 286 -15.20 18.70 5.90
C ASP A 286 -14.22 17.65 6.45
N GLU A 287 -14.63 16.88 7.45
CA GLU A 287 -13.74 15.91 8.08
C GLU A 287 -13.74 14.63 7.27
N ARG A 288 -12.67 14.40 6.51
CA ARG A 288 -12.58 13.30 5.56
C ARG A 288 -11.51 12.29 5.92
N ARG A 289 -11.15 12.19 7.21
CA ARG A 289 -10.06 11.31 7.60
C ARG A 289 -10.46 9.84 7.71
N LYS A 290 -11.76 9.53 7.74
CA LYS A 290 -12.22 8.17 7.90
C LYS A 290 -12.73 7.54 6.61
N TRP A 291 -12.73 8.27 5.50
CA TRP A 291 -13.14 7.71 4.22
C TRP A 291 -12.23 8.05 3.06
N ILE A 292 -11.29 8.98 3.21
CA ILE A 292 -10.39 9.31 2.11
C ILE A 292 -9.49 8.14 1.74
N HIS A 293 -9.28 7.22 2.67
CA HIS A 293 -8.43 6.06 2.39
C HIS A 293 -9.03 5.16 1.32
N CYS A 294 -10.30 5.34 0.98
CA CYS A 294 -10.90 4.57 -0.10
C CYS A 294 -10.30 4.92 -1.46
N PHE A 295 -9.68 6.09 -1.58
CA PHE A 295 -9.14 6.56 -2.85
C PHE A 295 -7.66 6.23 -3.02
N GLU A 296 -7.07 5.46 -2.10
CA GLU A 296 -5.72 4.97 -2.33
C GLU A 296 -5.71 4.07 -3.57
N GLY A 297 -4.79 4.35 -4.48
CA GLY A 297 -4.71 3.64 -5.74
C GLY A 297 -5.25 4.40 -6.93
N VAL A 298 -5.97 5.50 -6.70
CA VAL A 298 -6.40 6.33 -7.82
C VAL A 298 -5.17 6.74 -8.61
N THR A 299 -5.33 6.87 -9.93
CA THR A 299 -4.18 7.17 -10.78
C THR A 299 -3.60 8.53 -10.43
N ALA A 300 -4.44 9.53 -10.19
CA ALA A 300 -3.94 10.86 -9.88
C ALA A 300 -5.08 11.75 -9.41
N ILE A 301 -4.76 12.67 -8.51
CA ILE A 301 -5.70 13.71 -8.10
C ILE A 301 -5.73 14.80 -9.16
N ILE A 302 -6.84 15.52 -9.22
CA ILE A 302 -6.99 16.65 -10.14
C ILE A 302 -7.53 17.82 -9.30
N PHE A 303 -6.63 18.67 -8.82
CA PHE A 303 -7.04 19.90 -8.15
C PHE A 303 -7.42 20.95 -9.17
N CYS A 304 -8.55 21.61 -8.93
CA CYS A 304 -9.05 22.66 -9.82
C CYS A 304 -9.48 23.87 -9.01
N VAL A 305 -8.61 24.31 -8.10
CA VAL A 305 -8.90 25.48 -7.28
C VAL A 305 -9.13 26.68 -8.18
N ALA A 306 -10.33 27.22 -8.16
CA ALA A 306 -10.66 28.40 -8.95
C ALA A 306 -10.19 29.65 -8.24
N LEU A 307 -9.69 30.62 -9.01
CA LEU A 307 -9.29 31.92 -8.46
C LEU A 307 -10.47 32.90 -8.52
N SER A 308 -11.57 32.49 -7.89
CA SER A 308 -12.77 33.32 -7.88
C SER A 308 -12.54 34.63 -7.15
N ASP A 309 -11.47 34.73 -6.36
CA ASP A 309 -11.17 35.93 -5.59
C ASP A 309 -11.24 37.19 -6.47
N ARG A 322 -13.37 27.26 -1.26
CA ARG A 322 -12.62 28.21 -0.45
C ARG A 322 -11.13 28.13 -0.78
N MET A 323 -10.49 29.30 -0.89
CA MET A 323 -9.07 29.33 -1.20
C MET A 323 -8.25 28.73 -0.05
N GLN A 324 -8.50 29.19 1.18
CA GLN A 324 -7.72 28.72 2.31
C GLN A 324 -7.90 27.23 2.54
N GLU A 325 -9.16 26.78 2.65
CA GLU A 325 -9.40 25.37 2.95
C GLU A 325 -8.84 24.46 1.86
N SER A 326 -8.77 24.96 0.62
CA SER A 326 -8.14 24.18 -0.44
C SER A 326 -6.66 23.98 -0.14
N MET A 327 -5.97 25.02 0.32
CA MET A 327 -4.56 24.90 0.63
C MET A 327 -4.32 23.88 1.73
N ASN A 328 -5.16 23.88 2.76
CA ASN A 328 -4.97 22.95 3.87
C ASN A 328 -5.13 21.51 3.42
N LEU A 329 -6.08 21.26 2.52
CA LEU A 329 -6.21 19.93 1.95
C LEU A 329 -4.95 19.55 1.17
N PHE A 330 -4.38 20.51 0.44
CA PHE A 330 -3.13 20.24 -0.27
C PHE A 330 -2.03 19.82 0.69
N LYS A 331 -1.98 20.47 1.86
CA LYS A 331 -1.00 20.08 2.87
C LYS A 331 -1.19 18.62 3.29
N SER A 332 -2.44 18.22 3.54
CA SER A 332 -2.70 16.89 4.06
C SER A 332 -2.35 15.82 3.05
N ILE A 333 -2.84 15.94 1.81
CA ILE A 333 -2.62 14.89 0.82
C ILE A 333 -1.15 14.84 0.41
N CYS A 334 -0.49 16.00 0.30
CA CYS A 334 0.90 16.03 -0.10
C CYS A 334 1.83 15.45 0.95
N ASN A 335 1.34 15.23 2.17
CA ASN A 335 2.16 14.72 3.27
C ASN A 335 1.63 13.41 3.83
N ASN A 336 0.80 12.69 3.09
CA ASN A 336 0.21 11.43 3.55
C ASN A 336 0.76 10.27 2.72
N LYS A 337 0.65 9.08 3.31
CA LYS A 337 1.27 7.89 2.71
C LYS A 337 0.39 7.29 1.62
N TRP A 338 -0.93 7.24 1.84
CA TRP A 338 -1.81 6.63 0.84
C TRP A 338 -1.68 7.31 -0.51
N PHE A 339 -1.35 8.60 -0.53
CA PHE A 339 -1.22 9.35 -1.77
C PHE A 339 0.24 9.67 -2.09
N THR A 340 1.17 8.92 -1.50
CA THR A 340 2.59 9.22 -1.69
C THR A 340 3.03 9.05 -3.14
N ASP A 341 2.38 8.16 -3.88
CA ASP A 341 2.77 7.87 -5.26
C ASP A 341 1.75 8.33 -6.28
N THR A 342 0.55 8.73 -5.87
CA THR A 342 -0.46 9.23 -6.79
C THR A 342 -0.10 10.66 -7.18
N SER A 343 0.14 10.88 -8.47
CA SER A 343 0.50 12.22 -8.93
C SER A 343 -0.67 13.18 -8.73
N ILE A 344 -0.34 14.46 -8.61
CA ILE A 344 -1.32 15.51 -8.38
C ILE A 344 -1.26 16.49 -9.54
N ILE A 345 -2.43 16.83 -10.09
CA ILE A 345 -2.57 17.84 -11.12
C ILE A 345 -3.26 19.05 -10.50
N LEU A 346 -2.77 20.24 -10.80
CA LEU A 346 -3.33 21.48 -10.26
C LEU A 346 -3.82 22.36 -11.40
N PHE A 347 -5.07 22.80 -11.29
CA PHE A 347 -5.70 23.64 -12.30
C PHE A 347 -6.15 24.95 -11.66
N LEU A 348 -5.93 26.04 -12.38
CA LEU A 348 -6.42 27.35 -11.98
C LEU A 348 -7.60 27.71 -12.88
N ASN A 349 -8.80 27.74 -12.31
CA ASN A 349 -10.04 27.85 -13.07
C ASN A 349 -10.53 29.29 -13.09
N LYS A 350 -11.45 29.55 -14.02
CA LYS A 350 -12.12 30.85 -14.13
C LYS A 350 -11.12 31.99 -14.28
N LYS A 351 -10.27 31.87 -15.31
CA LYS A 351 -9.26 32.90 -15.55
C LYS A 351 -9.91 34.23 -15.91
N ASP A 352 -10.97 34.20 -16.73
CA ASP A 352 -11.62 35.44 -17.12
C ASP A 352 -12.20 36.16 -15.89
N LEU A 353 -12.92 35.41 -15.05
CA LEU A 353 -13.50 36.01 -13.86
C LEU A 353 -12.42 36.47 -12.90
N PHE A 354 -11.33 35.71 -12.78
CA PHE A 354 -10.24 36.10 -11.90
C PHE A 354 -9.61 37.42 -12.35
N GLU A 355 -9.33 37.54 -13.64
CA GLU A 355 -8.76 38.78 -14.17
C GLU A 355 -9.71 39.94 -13.99
N GLU A 356 -11.01 39.73 -14.25
CA GLU A 356 -11.98 40.80 -14.06
C GLU A 356 -12.00 41.25 -12.60
N LYS A 357 -11.96 40.29 -11.67
CA LYS A 357 -11.97 40.64 -10.25
C LYS A 357 -10.71 41.40 -9.86
N ILE A 358 -9.54 40.97 -10.33
CA ILE A 358 -8.28 41.53 -9.84
C ILE A 358 -7.79 42.74 -10.61
N LYS A 359 -8.44 43.09 -11.72
CA LYS A 359 -8.03 44.29 -12.44
C LYS A 359 -8.18 45.54 -11.59
N LYS A 360 -8.98 45.48 -10.52
CA LYS A 360 -9.17 46.59 -9.59
C LYS A 360 -8.62 46.29 -8.21
N SER A 361 -8.95 45.13 -7.65
CA SER A 361 -8.53 44.78 -6.29
C SER A 361 -7.31 43.88 -6.36
N PRO A 362 -6.16 44.29 -5.80
CA PRO A 362 -4.96 43.44 -5.87
C PRO A 362 -5.03 42.27 -4.90
N LEU A 363 -4.15 41.30 -5.14
CA LEU A 363 -4.06 40.12 -4.28
C LEU A 363 -3.48 40.48 -2.91
N THR A 364 -2.63 41.51 -2.84
CA THR A 364 -1.90 41.81 -1.62
C THR A 364 -2.80 42.28 -0.49
N ASP A 365 -4.06 42.60 -0.78
CA ASP A 365 -4.97 43.05 0.29
C ASP A 365 -5.14 41.98 1.35
N TYR A 366 -5.25 40.72 0.94
CA TYR A 366 -5.45 39.61 1.86
C TYR A 366 -4.22 38.72 2.01
N TYR A 367 -3.26 38.81 1.10
CA TYR A 367 -2.02 38.07 1.16
C TYR A 367 -0.84 39.01 1.40
N PRO A 368 0.32 38.47 1.79
CA PRO A 368 1.51 39.32 1.90
C PRO A 368 1.87 39.91 0.54
N GLU A 369 2.49 41.09 0.57
CA GLU A 369 2.77 41.86 -0.63
C GLU A 369 4.00 41.36 -1.38
N TYR A 370 4.45 40.13 -1.13
CA TYR A 370 5.58 39.60 -1.88
C TYR A 370 5.33 39.59 -3.38
N ALA A 371 4.06 39.54 -3.80
CA ALA A 371 3.76 39.59 -5.22
C ALA A 371 4.34 40.83 -5.87
N GLY A 372 4.08 42.00 -5.29
CA GLY A 372 4.66 43.23 -5.80
C GLY A 372 4.24 43.56 -7.22
N SER A 373 3.19 42.93 -7.72
CA SER A 373 2.74 43.16 -9.09
C SER A 373 1.29 42.72 -9.20
N ASN A 374 0.57 43.36 -10.13
CA ASN A 374 -0.86 43.11 -10.34
C ASN A 374 -1.06 42.78 -11.82
N THR A 375 -0.93 41.50 -12.16
CA THR A 375 -1.16 41.02 -13.51
C THR A 375 -1.82 39.65 -13.43
N TYR A 376 -1.89 38.95 -14.56
CA TYR A 376 -2.50 37.63 -14.61
C TYR A 376 -1.48 36.51 -14.76
N GLU A 377 -0.28 36.81 -15.23
CA GLU A 377 0.78 35.81 -15.34
C GLU A 377 1.49 35.60 -14.02
N GLU A 378 1.95 36.68 -13.39
CA GLU A 378 2.61 36.57 -12.09
C GLU A 378 1.64 36.05 -11.03
N ALA A 379 0.40 36.53 -11.05
CA ALA A 379 -0.58 36.11 -10.06
C ALA A 379 -0.78 34.60 -10.12
N GLY A 380 -0.92 34.06 -11.33
CA GLY A 380 -1.02 32.61 -11.47
C GLY A 380 0.18 31.90 -10.87
N ASN A 381 1.37 32.48 -11.04
CA ASN A 381 2.55 31.94 -10.41
C ASN A 381 2.52 32.15 -8.90
N TYR A 382 2.10 33.34 -8.46
CA TYR A 382 2.06 33.63 -7.02
C TYR A 382 1.09 32.70 -6.31
N ILE A 383 -0.06 32.42 -6.92
CA ILE A 383 -0.95 31.43 -6.34
C ILE A 383 -0.31 30.05 -6.39
N LYS A 384 0.41 29.75 -7.47
CA LYS A 384 1.05 28.44 -7.59
C LYS A 384 2.12 28.24 -6.53
N VAL A 385 2.99 29.23 -6.33
CA VAL A 385 4.14 29.04 -5.45
C VAL A 385 3.70 28.70 -4.04
N GLN A 386 2.61 29.31 -3.56
CA GLN A 386 2.10 28.94 -2.25
C GLN A 386 1.86 27.44 -2.17
N PHE A 387 1.32 26.84 -3.23
CA PHE A 387 1.15 25.40 -3.25
C PHE A 387 2.51 24.70 -3.32
N LEU A 388 3.43 25.23 -4.12
CA LEU A 388 4.78 24.64 -4.20
C LEU A 388 5.49 24.70 -2.85
N GLU A 389 5.14 25.67 -2.01
CA GLU A 389 5.82 25.82 -0.73
C GLU A 389 5.66 24.57 0.12
N LEU A 390 4.49 23.98 0.12
CA LEU A 390 4.13 22.92 1.06
C LEU A 390 4.43 21.52 0.54
N ASN A 391 4.91 21.37 -0.69
CA ASN A 391 5.12 20.05 -1.28
C ASN A 391 6.59 19.66 -1.24
N MET A 392 6.83 18.37 -1.53
CA MET A 392 8.18 17.87 -1.68
C MET A 392 8.69 17.99 -3.11
N ALA A 393 7.79 18.18 -4.08
CA ALA A 393 8.16 18.39 -5.48
C ALA A 393 9.15 17.32 -5.94
N SER A 394 8.86 16.07 -5.59
CA SER A 394 9.79 15.00 -5.89
C SER A 394 9.81 14.69 -7.39
N ASP A 395 10.89 14.05 -7.81
CA ASP A 395 11.07 13.69 -9.21
C ASP A 395 9.95 12.78 -9.69
N VAL A 396 9.23 12.14 -8.77
CA VAL A 396 8.08 11.31 -9.12
C VAL A 396 6.78 12.11 -9.08
N LYS A 397 6.46 12.69 -7.92
CA LYS A 397 5.16 13.30 -7.68
C LYS A 397 5.14 14.79 -8.05
N GLU A 398 6.06 15.25 -8.89
CA GLU A 398 5.99 16.60 -9.43
C GLU A 398 4.55 16.95 -9.80
N ILE A 399 4.14 18.15 -9.43
CA ILE A 399 2.79 18.63 -9.72
C ILE A 399 2.69 18.92 -11.22
N TYR A 400 1.47 19.03 -11.72
CA TYR A 400 1.22 19.50 -13.08
C TYR A 400 0.47 20.82 -13.03
N SER A 401 0.79 21.70 -13.98
CA SER A 401 0.35 23.09 -13.92
C SER A 401 -0.08 23.56 -15.30
N HIS A 402 -1.37 23.87 -15.44
CA HIS A 402 -1.86 24.58 -16.63
C HIS A 402 -3.15 25.29 -16.23
N MET A 403 -3.06 26.59 -16.00
CA MET A 403 -4.24 27.37 -15.68
C MET A 403 -5.29 27.23 -16.79
N THR A 404 -6.55 27.06 -16.39
CA THR A 404 -7.62 26.77 -17.32
C THR A 404 -8.75 27.78 -17.16
N CYS A 405 -9.53 27.92 -18.24
CA CYS A 405 -10.63 28.88 -18.28
C CYS A 405 -11.86 28.20 -18.85
N ALA A 406 -13.03 28.73 -18.48
CA ALA A 406 -14.30 28.19 -18.97
C ALA A 406 -14.55 28.53 -20.43
N THR A 407 -13.75 29.42 -21.03
CA THR A 407 -13.86 29.76 -22.45
C THR A 407 -12.67 29.20 -23.23
N ASP A 408 -11.99 28.20 -22.68
CA ASP A 408 -10.83 27.58 -23.30
C ASP A 408 -11.23 26.26 -23.94
N THR A 409 -10.29 25.70 -24.70
CA THR A 409 -10.47 24.41 -25.37
C THR A 409 -9.36 23.43 -25.07
N GLN A 410 -8.35 23.83 -24.29
CA GLN A 410 -7.19 22.99 -24.02
C GLN A 410 -7.20 22.35 -22.64
N ASN A 411 -8.26 22.55 -21.85
CA ASN A 411 -8.28 22.00 -20.50
C ASN A 411 -8.26 20.47 -20.54
N VAL A 412 -9.17 19.85 -21.29
CA VAL A 412 -9.19 18.41 -21.37
C VAL A 412 -7.95 17.89 -22.08
N LYS A 413 -7.41 18.66 -23.03
CA LYS A 413 -6.19 18.25 -23.71
C LYS A 413 -5.02 18.16 -22.74
N PHE A 414 -4.88 19.15 -21.86
CA PHE A 414 -3.82 19.11 -20.86
C PHE A 414 -4.07 18.01 -19.84
N VAL A 415 -5.33 17.79 -19.47
CA VAL A 415 -5.64 16.67 -18.58
C VAL A 415 -5.18 15.37 -19.22
N PHE A 416 -5.47 15.19 -20.51
CA PHE A 416 -5.05 13.99 -21.22
C PHE A 416 -3.54 13.86 -21.25
N ASP A 417 -2.84 14.97 -21.51
CA ASP A 417 -1.38 14.92 -21.53
C ASP A 417 -0.84 14.47 -20.19
N ALA A 418 -1.32 15.07 -19.10
CA ALA A 418 -0.85 14.70 -17.78
C ALA A 418 -1.17 13.24 -17.46
N VAL A 419 -2.38 12.79 -17.81
CA VAL A 419 -2.79 11.44 -17.46
C VAL A 419 -1.99 10.41 -18.26
N THR A 420 -1.79 10.65 -19.55
CA THR A 420 -1.00 9.72 -20.34
C THR A 420 0.45 9.70 -19.87
N ASP A 421 0.99 10.86 -19.49
CA ASP A 421 2.33 10.88 -18.92
C ASP A 421 2.39 10.04 -17.65
N ILE A 422 1.40 10.16 -16.78
CA ILE A 422 1.38 9.41 -15.54
C ILE A 422 1.28 7.92 -15.82
N ILE A 423 0.48 7.53 -16.81
CA ILE A 423 0.35 6.12 -17.16
C ILE A 423 1.67 5.58 -17.69
N ILE A 424 2.34 6.35 -18.55
CA ILE A 424 3.65 5.94 -19.06
C ILE A 424 4.63 5.77 -17.92
N LYS A 425 4.60 6.70 -16.96
CA LYS A 425 5.52 6.63 -15.83
C LYS A 425 5.25 5.39 -14.99
N GLU A 426 3.97 5.08 -14.74
CA GLU A 426 3.65 3.87 -14.00
C GLU A 426 4.12 2.63 -14.75
N ASN A 427 3.94 2.61 -16.08
CA ASN A 427 4.42 1.48 -16.88
C ASN A 427 5.92 1.31 -16.72
N LEU A 428 6.67 2.40 -16.89
CA LEU A 428 8.12 2.32 -16.79
C LEU A 428 8.55 1.86 -15.40
N LYS A 429 7.97 2.45 -14.35
CA LYS A 429 8.27 1.97 -13.00
C LYS A 429 8.02 0.47 -12.88
N ASP A 430 6.94 -0.01 -13.48
CA ASP A 430 6.68 -1.46 -13.45
C ASP A 430 7.78 -2.23 -14.15
N CYS A 431 8.25 -1.71 -15.29
CA CYS A 431 9.34 -2.36 -16.01
C CYS A 431 10.67 -2.29 -15.29
N GLY A 432 10.77 -1.48 -14.24
CA GLY A 432 12.03 -1.24 -13.58
C GLY A 432 12.95 -0.28 -14.31
N LEU A 433 12.50 0.28 -15.43
CA LEU A 433 13.29 1.22 -16.21
C LEU A 433 13.12 2.66 -15.72
N PHE A 434 12.29 2.89 -14.72
CA PHE A 434 11.98 4.23 -14.24
C PHE A 434 13.25 5.05 -13.99
N LEU B 8 -24.05 31.59 26.70
CA LEU B 8 -24.03 32.19 28.06
C LEU B 8 -22.85 31.65 28.88
N ASP B 9 -22.22 32.53 29.64
CA ASP B 9 -21.07 32.12 30.44
C ASP B 9 -21.46 31.07 31.48
N GLN B 10 -22.60 31.27 32.15
CA GLN B 10 -23.01 30.34 33.20
C GLN B 10 -23.25 28.94 32.64
N LEU B 11 -23.81 28.85 31.43
CA LEU B 11 -24.07 27.54 30.84
C LEU B 11 -22.78 26.76 30.64
N ARG B 12 -21.71 27.43 30.20
CA ARG B 12 -20.42 26.77 30.10
C ARG B 12 -19.88 26.39 31.47
N GLN B 13 -19.91 27.33 32.41
CA GLN B 13 -19.48 27.01 33.78
C GLN B 13 -20.37 25.93 34.39
N GLU B 14 -21.68 26.00 34.14
CA GLU B 14 -22.57 24.97 34.63
C GLU B 14 -22.23 23.61 34.04
N ALA B 15 -21.91 23.58 32.74
CA ALA B 15 -21.51 22.32 32.11
C ALA B 15 -20.24 21.77 32.76
N GLU B 16 -19.26 22.64 32.98
CA GLU B 16 -18.02 22.18 33.62
C GLU B 16 -18.29 21.66 35.02
N GLN B 17 -19.12 22.35 35.79
CA GLN B 17 -19.41 21.92 37.16
C GLN B 17 -20.11 20.58 37.17
N LEU B 18 -21.13 20.40 36.32
CA LEU B 18 -21.84 19.12 36.32
C LEU B 18 -20.98 18.00 35.78
N LYS B 19 -20.08 18.28 34.83
CA LYS B 19 -19.12 17.27 34.41
C LYS B 19 -18.21 16.88 35.56
N ASN B 20 -17.73 17.85 36.33
CA ASN B 20 -16.88 17.55 37.47
C ASN B 20 -17.61 16.69 38.48
N GLN B 21 -18.88 17.01 38.76
CA GLN B 21 -19.64 16.22 39.72
C GLN B 21 -19.93 14.82 39.19
N ILE B 22 -20.12 14.68 37.87
CA ILE B 22 -20.40 13.36 37.31
C ILE B 22 -19.20 12.44 37.52
N ARG B 23 -17.99 12.93 37.27
CA ARG B 23 -16.80 12.13 37.54
C ARG B 23 -16.71 11.76 39.02
N ASP B 24 -16.99 12.73 39.90
CA ASP B 24 -16.96 12.42 41.33
C ASP B 24 -17.96 11.34 41.68
N ALA B 25 -19.14 11.37 41.07
CA ALA B 25 -20.08 10.27 41.24
C ALA B 25 -19.49 8.97 40.71
N ARG B 26 -18.75 9.05 39.60
CA ARG B 26 -18.05 7.88 39.09
C ARG B 26 -16.87 7.50 39.97
N LYS B 27 -16.11 8.50 40.42
CA LYS B 27 -14.90 8.23 41.19
C LYS B 27 -15.25 7.49 42.49
N ALA B 28 -16.29 7.92 43.18
CA ALA B 28 -16.71 7.25 44.40
C ALA B 28 -17.18 5.83 44.11
N CYS B 29 -17.77 5.60 42.93
CA CYS B 29 -18.28 4.28 42.61
C CYS B 29 -17.16 3.26 42.45
N ALA B 30 -16.02 3.67 41.90
CA ALA B 30 -14.92 2.74 41.65
C ALA B 30 -14.16 2.52 42.96
N ASP B 31 -14.39 1.36 43.58
CA ASP B 31 -13.69 0.98 44.79
C ASP B 31 -12.59 -0.04 44.53
N ALA B 32 -12.85 -1.02 43.67
CA ALA B 32 -11.85 -2.01 43.30
C ALA B 32 -11.94 -2.26 41.81
N THR B 33 -10.88 -1.91 41.08
CA THR B 33 -10.89 -2.07 39.63
C THR B 33 -11.11 -3.53 39.26
N LEU B 34 -11.50 -3.75 38.00
CA LEU B 34 -11.90 -5.08 37.56
C LEU B 34 -10.79 -6.10 37.74
N SER B 35 -9.53 -5.68 37.58
CA SER B 35 -8.43 -6.64 37.63
C SER B 35 -8.24 -7.25 39.02
N GLN B 36 -8.54 -6.47 40.07
CA GLN B 36 -8.25 -6.94 41.43
C GLN B 36 -9.05 -8.18 41.78
N ILE B 37 -10.38 -8.12 41.60
CA ILE B 37 -11.22 -9.24 41.99
C ILE B 37 -10.96 -10.45 41.10
N THR B 38 -10.70 -10.21 39.82
CA THR B 38 -10.47 -11.30 38.88
C THR B 38 -9.01 -11.75 38.84
N ASN B 39 -8.24 -11.48 39.90
CA ASN B 39 -6.85 -11.92 39.92
C ASN B 39 -6.73 -13.42 40.14
N ASN B 40 -7.65 -14.00 40.90
CA ASN B 40 -7.53 -15.41 41.29
C ASN B 40 -7.84 -16.35 40.12
N ILE B 41 -8.71 -15.94 39.21
CA ILE B 41 -9.18 -16.86 38.17
C ILE B 41 -8.03 -17.25 37.26
N ASP B 42 -8.00 -18.52 36.89
CA ASP B 42 -6.91 -19.05 36.06
C ASP B 42 -7.01 -18.41 34.68
N PRO B 43 -5.95 -17.78 34.18
CA PRO B 43 -6.00 -17.19 32.84
C PRO B 43 -6.35 -18.23 31.78
N VAL B 44 -6.74 -17.73 30.61
CA VAL B 44 -7.14 -18.61 29.52
C VAL B 44 -5.96 -19.43 29.03
N GLY B 45 -4.81 -18.79 28.87
CA GLY B 45 -3.67 -19.45 28.25
C GLY B 45 -3.66 -19.26 26.75
N ARG B 46 -2.45 -19.30 26.19
CA ARG B 46 -2.30 -19.06 24.76
C ARG B 46 -3.14 -20.05 23.96
N ILE B 47 -4.12 -19.52 23.23
CA ILE B 47 -4.95 -20.33 22.35
C ILE B 47 -4.40 -20.28 20.94
N GLN B 48 -4.71 -21.29 20.15
CA GLN B 48 -4.22 -21.39 18.78
C GLN B 48 -5.38 -21.79 17.87
N MET B 49 -5.80 -20.87 17.01
CA MET B 49 -6.81 -21.13 16.01
C MET B 49 -6.20 -20.86 14.64
N ARG B 50 -6.17 -21.87 13.79
CA ARG B 50 -5.57 -21.78 12.47
C ARG B 50 -6.64 -21.79 11.40
N THR B 51 -6.41 -21.01 10.35
CA THR B 51 -7.42 -20.84 9.32
C THR B 51 -7.86 -22.17 8.75
N ARG B 52 -9.06 -22.18 8.17
CA ARG B 52 -9.55 -23.30 7.37
C ARG B 52 -9.93 -22.90 5.96
N ARG B 53 -10.52 -21.72 5.77
CA ARG B 53 -11.09 -21.34 4.47
C ARG B 53 -10.61 -19.93 4.13
N THR B 54 -9.94 -19.79 2.99
CA THR B 54 -9.60 -18.48 2.44
C THR B 54 -10.53 -18.25 1.26
N LEU B 55 -11.61 -17.52 1.50
CA LEU B 55 -12.63 -17.32 0.49
C LEU B 55 -12.20 -16.20 -0.46
N ARG B 56 -11.88 -16.58 -1.70
CA ARG B 56 -11.37 -15.68 -2.71
C ARG B 56 -12.47 -15.36 -3.72
N GLY B 57 -12.27 -14.25 -4.43
CA GLY B 57 -13.25 -13.80 -5.42
C GLY B 57 -13.39 -12.30 -5.50
N HIS B 58 -12.85 -11.58 -4.53
CA HIS B 58 -12.89 -10.12 -4.54
C HIS B 58 -11.63 -9.57 -5.19
N LEU B 59 -11.81 -8.56 -6.03
CA LEU B 59 -10.72 -7.92 -6.74
C LEU B 59 -10.30 -6.60 -6.09
N ALA B 60 -10.72 -6.35 -4.86
CA ALA B 60 -10.36 -5.12 -4.18
C ALA B 60 -10.47 -5.36 -2.67
N LYS B 61 -9.88 -4.44 -1.91
CA LYS B 61 -9.93 -4.53 -0.46
C LYS B 61 -11.38 -4.54 0.02
N ILE B 62 -11.68 -5.47 0.93
CA ILE B 62 -13.05 -5.68 1.39
C ILE B 62 -13.24 -4.97 2.71
N TYR B 63 -14.31 -4.19 2.80
CA TYR B 63 -14.50 -3.22 3.87
C TYR B 63 -15.46 -3.68 4.96
N ALA B 64 -16.06 -4.86 4.83
CA ALA B 64 -17.06 -5.29 5.80
C ALA B 64 -17.41 -6.75 5.55
N MET B 65 -18.23 -7.28 6.46
CA MET B 65 -18.78 -8.62 6.35
C MET B 65 -19.74 -8.80 7.51
N HIS B 66 -20.56 -9.85 7.43
CA HIS B 66 -21.50 -10.15 8.50
C HIS B 66 -21.96 -11.58 8.34
N TRP B 67 -22.31 -12.19 9.47
CA TRP B 67 -22.72 -13.58 9.48
C TRP B 67 -24.24 -13.68 9.43
N GLY B 68 -24.77 -14.87 9.63
CA GLY B 68 -26.20 -15.07 9.72
C GLY B 68 -26.54 -15.95 10.90
N THR B 69 -27.77 -15.79 11.38
CA THR B 69 -28.20 -16.56 12.56
C THR B 69 -28.05 -18.05 12.33
N ASP B 70 -28.11 -18.50 11.07
CA ASP B 70 -27.80 -19.90 10.79
C ASP B 70 -26.34 -20.23 11.04
N SER B 71 -25.46 -19.23 11.08
CA SER B 71 -24.04 -19.41 11.30
C SER B 71 -23.35 -20.11 10.13
N ARG B 72 -23.92 -20.01 8.94
CA ARG B 72 -23.42 -20.71 7.76
C ARG B 72 -23.18 -19.78 6.57
N LEU B 73 -24.02 -18.78 6.38
CA LEU B 73 -23.93 -17.89 5.23
C LEU B 73 -23.27 -16.58 5.64
N LEU B 74 -22.29 -16.15 4.84
CA LEU B 74 -21.53 -14.95 5.11
C LEU B 74 -21.96 -13.83 4.17
N VAL B 75 -21.36 -12.66 4.33
CA VAL B 75 -21.53 -11.55 3.40
C VAL B 75 -20.20 -10.82 3.32
N SER B 76 -19.90 -10.31 2.13
CA SER B 76 -18.73 -9.49 1.92
C SER B 76 -19.13 -8.22 1.18
N ALA B 77 -18.43 -7.13 1.47
CA ALA B 77 -18.62 -5.87 0.76
C ALA B 77 -17.25 -5.28 0.51
N SER B 78 -17.00 -4.87 -0.73
CA SER B 78 -15.68 -4.39 -1.11
C SER B 78 -15.82 -3.38 -2.23
N GLN B 79 -14.78 -2.56 -2.39
CA GLN B 79 -14.74 -1.59 -3.47
C GLN B 79 -14.79 -2.24 -4.85
N ASP B 80 -14.61 -3.56 -4.91
CA ASP B 80 -14.91 -4.30 -6.13
C ASP B 80 -16.21 -3.82 -6.75
N GLY B 81 -17.20 -3.52 -5.91
CA GLY B 81 -18.54 -3.25 -6.35
C GLY B 81 -19.47 -4.44 -6.24
N LYS B 82 -19.06 -5.50 -5.54
CA LYS B 82 -19.84 -6.73 -5.42
C LYS B 82 -20.15 -6.99 -3.97
N LEU B 83 -21.12 -7.88 -3.74
CA LEU B 83 -21.61 -8.19 -2.41
C LEU B 83 -21.74 -9.71 -2.23
N ILE B 84 -20.68 -10.43 -2.57
CA ILE B 84 -20.74 -11.89 -2.57
C ILE B 84 -21.28 -12.40 -1.25
N ILE B 85 -22.25 -13.32 -1.33
CA ILE B 85 -22.76 -14.06 -0.18
C ILE B 85 -22.20 -15.47 -0.28
N TRP B 86 -21.38 -15.85 0.70
CA TRP B 86 -20.66 -17.12 0.69
C TRP B 86 -21.41 -18.17 1.49
N ASP B 87 -21.00 -19.41 1.30
CA ASP B 87 -21.39 -20.53 2.17
C ASP B 87 -20.09 -21.03 2.80
N SER B 88 -19.83 -20.58 4.03
CA SER B 88 -18.56 -20.87 4.68
C SER B 88 -18.25 -22.36 4.69
N TYR B 89 -19.28 -23.20 4.83
CA TYR B 89 -19.04 -24.64 4.93
C TYR B 89 -18.38 -25.19 3.67
N THR B 90 -18.66 -24.60 2.51
CA THR B 90 -18.12 -25.09 1.25
C THR B 90 -17.41 -24.01 0.43
N THR B 91 -17.49 -22.74 0.82
CA THR B 91 -16.86 -21.65 0.08
C THR B 91 -17.51 -21.46 -1.29
N ASN B 92 -18.82 -21.71 -1.38
CA ASN B 92 -19.55 -21.52 -2.62
C ASN B 92 -20.14 -20.11 -2.66
N LYS B 93 -19.90 -19.40 -3.76
CA LYS B 93 -20.43 -18.06 -3.93
C LYS B 93 -21.93 -18.11 -4.22
N VAL B 94 -22.75 -18.14 -3.16
CA VAL B 94 -24.18 -18.33 -3.35
C VAL B 94 -24.78 -17.19 -4.16
N HIS B 95 -24.42 -15.95 -3.83
CA HIS B 95 -24.87 -14.79 -4.56
C HIS B 95 -23.70 -13.86 -4.82
N ALA B 96 -23.86 -12.99 -5.81
CA ALA B 96 -22.87 -11.94 -6.09
C ALA B 96 -23.62 -10.78 -6.69
N ILE B 97 -23.96 -9.80 -5.85
CA ILE B 97 -24.83 -8.69 -6.26
C ILE B 97 -23.98 -7.49 -6.69
N PRO B 98 -24.31 -6.84 -7.80
CA PRO B 98 -23.74 -5.52 -8.08
C PRO B 98 -24.65 -4.42 -7.53
N LEU B 99 -24.13 -3.19 -7.58
CA LEU B 99 -24.90 -2.06 -7.08
C LEU B 99 -24.45 -0.79 -7.80
N ARG B 100 -25.33 0.22 -7.78
CA ARG B 100 -25.16 1.38 -8.64
C ARG B 100 -23.86 2.12 -8.33
N SER B 101 -23.55 2.30 -7.05
CA SER B 101 -22.33 2.99 -6.62
C SER B 101 -21.36 1.94 -6.08
N SER B 102 -20.15 1.93 -6.64
CA SER B 102 -19.18 0.91 -6.28
C SER B 102 -18.79 1.01 -4.80
N TRP B 103 -18.65 2.22 -4.30
CA TRP B 103 -18.06 2.43 -2.98
C TRP B 103 -19.01 1.93 -1.90
N VAL B 104 -18.50 1.05 -1.03
CA VAL B 104 -19.28 0.50 0.07
C VAL B 104 -18.39 0.45 1.31
N MET B 105 -18.94 0.84 2.46
CA MET B 105 -18.23 0.79 3.72
C MET B 105 -18.88 -0.11 4.75
N THR B 106 -20.01 -0.73 4.44
CA THR B 106 -20.67 -1.60 5.41
C THR B 106 -21.58 -2.56 4.67
N CYS B 107 -22.03 -3.58 5.42
CA CYS B 107 -22.99 -4.54 4.92
C CYS B 107 -23.61 -5.25 6.12
N ALA B 108 -24.86 -5.65 5.98
CA ALA B 108 -25.58 -6.32 7.04
C ALA B 108 -26.36 -7.48 6.45
N TYR B 109 -26.76 -8.41 7.33
CA TYR B 109 -27.47 -9.61 6.93
C TYR B 109 -28.64 -9.77 7.88
N ALA B 110 -29.86 -9.71 7.34
CA ALA B 110 -31.03 -9.69 8.19
C ALA B 110 -31.08 -10.91 9.08
N PRO B 111 -31.52 -10.78 10.34
CA PRO B 111 -31.53 -11.96 11.23
C PRO B 111 -32.41 -13.08 10.70
N SER B 112 -33.50 -12.75 10.00
CA SER B 112 -34.32 -13.78 9.38
C SER B 112 -33.65 -14.40 8.16
N GLY B 113 -32.70 -13.69 7.55
CA GLY B 113 -31.93 -14.23 6.45
C GLY B 113 -32.50 -13.95 5.07
N ASN B 114 -33.61 -13.24 4.97
CA ASN B 114 -34.25 -12.97 3.69
C ASN B 114 -33.77 -11.67 3.05
N TYR B 115 -32.94 -10.90 3.72
CA TYR B 115 -32.55 -9.58 3.25
C TYR B 115 -31.09 -9.33 3.56
N VAL B 116 -30.50 -8.38 2.84
CA VAL B 116 -29.20 -7.81 3.18
C VAL B 116 -29.22 -6.34 2.81
N ALA B 117 -28.44 -5.55 3.54
CA ALA B 117 -28.31 -4.12 3.29
C ALA B 117 -26.83 -3.77 3.20
N CYS B 118 -26.54 -2.76 2.39
CA CYS B 118 -25.15 -2.40 2.12
C CYS B 118 -25.03 -0.94 1.70
N GLY B 119 -24.50 -0.10 2.58
CA GLY B 119 -24.29 1.30 2.28
C GLY B 119 -22.80 1.62 2.15
N GLY B 120 -22.54 2.88 1.82
CA GLY B 120 -21.17 3.33 1.63
C GLY B 120 -21.06 4.82 1.47
N LEU B 121 -20.13 5.27 0.64
CA LEU B 121 -19.94 6.70 0.41
C LEU B 121 -20.93 7.24 -0.61
N ASP B 122 -22.22 6.96 -0.39
CA ASP B 122 -23.29 7.51 -1.21
C ASP B 122 -24.47 7.98 -0.37
N ASN B 123 -24.45 7.76 0.94
CA ASN B 123 -25.49 8.23 1.84
C ASN B 123 -26.78 7.43 1.68
N ILE B 124 -26.66 6.16 1.30
CA ILE B 124 -27.82 5.29 1.13
C ILE B 124 -27.48 3.91 1.69
N CYS B 125 -28.41 3.29 2.39
CA CYS B 125 -28.31 1.90 2.82
C CYS B 125 -29.34 1.12 2.01
N SER B 126 -28.92 0.68 0.82
CA SER B 126 -29.83 0.01 -0.10
C SER B 126 -29.98 -1.46 0.29
N ILE B 127 -31.24 -1.91 0.40
CA ILE B 127 -31.55 -3.28 0.78
C ILE B 127 -31.80 -4.10 -0.47
N TYR B 128 -31.44 -5.39 -0.41
CA TYR B 128 -31.63 -6.32 -1.50
C TYR B 128 -32.34 -7.57 -1.00
N ASN B 129 -33.28 -8.07 -1.81
CA ASN B 129 -34.08 -9.25 -1.45
C ASN B 129 -33.28 -10.52 -1.71
N LEU B 130 -32.35 -10.79 -0.79
CA LEU B 130 -31.53 -11.98 -0.89
C LEU B 130 -32.39 -13.24 -0.76
N LYS B 131 -32.24 -14.14 -1.71
CA LYS B 131 -33.02 -15.37 -1.82
C LYS B 131 -34.49 -15.14 -1.44
N THR B 132 -35.11 -14.21 -2.17
CA THR B 132 -36.56 -14.02 -2.10
C THR B 132 -37.25 -14.74 -3.25
N ARG B 133 -36.72 -14.61 -4.46
CA ARG B 133 -37.18 -15.37 -5.61
C ARG B 133 -36.05 -16.24 -6.13
N GLU B 134 -36.40 -17.46 -6.56
CA GLU B 134 -35.38 -18.43 -6.95
C GLU B 134 -34.52 -17.88 -8.08
N GLY B 135 -33.21 -17.98 -7.92
CA GLY B 135 -32.28 -17.50 -8.92
C GLY B 135 -32.48 -16.03 -9.26
N ASN B 136 -32.94 -15.25 -8.28
CA ASN B 136 -33.27 -13.86 -8.50
C ASN B 136 -33.05 -13.07 -7.22
N VAL B 137 -32.35 -11.94 -7.35
CA VAL B 137 -32.11 -11.02 -6.24
C VAL B 137 -31.91 -9.62 -6.82
N ARG B 138 -32.61 -8.64 -6.28
CA ARG B 138 -32.62 -7.31 -6.84
C ARG B 138 -32.72 -6.27 -5.74
N VAL B 139 -32.46 -5.02 -6.10
CA VAL B 139 -32.51 -3.92 -5.15
C VAL B 139 -33.95 -3.66 -4.75
N SER B 140 -34.25 -3.87 -3.46
CA SER B 140 -35.61 -3.67 -2.97
C SER B 140 -35.87 -2.21 -2.61
N ARG B 141 -35.14 -1.68 -1.63
CA ARG B 141 -35.37 -0.34 -1.12
C ARG B 141 -34.07 0.45 -1.17
N GLU B 142 -34.22 1.78 -1.19
CA GLU B 142 -33.10 2.71 -1.12
C GLU B 142 -33.47 3.76 -0.07
N LEU B 143 -32.82 3.70 1.08
CA LEU B 143 -33.15 4.59 2.20
C LEU B 143 -32.33 5.85 2.08
N ALA B 144 -32.89 6.87 1.46
CA ALA B 144 -32.20 8.13 1.21
C ALA B 144 -32.58 9.16 2.29
N GLY B 145 -32.00 10.35 2.16
CA GLY B 145 -32.25 11.41 3.13
C GLY B 145 -31.37 11.36 4.35
N HIS B 146 -30.22 10.71 4.27
CA HIS B 146 -29.32 10.52 5.40
C HIS B 146 -27.98 11.16 5.06
N THR B 147 -27.87 12.46 5.31
CA THR B 147 -26.71 13.23 4.87
C THR B 147 -25.43 12.61 5.42
N GLY B 148 -24.32 12.87 4.71
CA GLY B 148 -23.05 12.34 5.13
C GLY B 148 -22.91 10.86 4.83
N TYR B 149 -21.70 10.40 4.56
CA TYR B 149 -21.48 9.01 4.17
C TYR B 149 -22.06 8.08 5.23
N LEU B 150 -22.27 6.83 4.88
CA LEU B 150 -22.92 5.86 5.75
C LEU B 150 -21.89 4.80 6.14
N SER B 151 -21.82 4.50 7.44
CA SER B 151 -20.71 3.72 7.97
C SER B 151 -21.11 2.40 8.60
N CYS B 152 -22.40 2.18 8.89
CA CYS B 152 -22.80 0.90 9.46
C CYS B 152 -24.32 0.80 9.45
N CYS B 153 -24.83 -0.37 9.06
CA CYS B 153 -26.25 -0.68 9.08
C CYS B 153 -26.46 -1.98 9.86
N ARG B 154 -27.60 -2.10 10.54
CA ARG B 154 -27.91 -3.31 11.26
C ARG B 154 -29.42 -3.53 11.28
N PHE B 155 -29.82 -4.79 11.18
CA PHE B 155 -31.22 -5.17 11.24
C PHE B 155 -31.59 -5.56 12.67
N LEU B 156 -32.66 -4.97 13.19
CA LEU B 156 -33.26 -5.44 14.44
C LEU B 156 -34.56 -6.20 14.22
N ASP B 157 -35.13 -6.11 13.02
CA ASP B 157 -36.29 -6.89 12.63
C ASP B 157 -36.42 -6.75 11.12
N ASP B 158 -37.39 -7.48 10.55
CA ASP B 158 -37.53 -7.52 9.10
C ASP B 158 -37.70 -6.14 8.48
N ASN B 159 -38.28 -5.18 9.22
CA ASN B 159 -38.68 -3.90 8.66
C ASN B 159 -37.95 -2.70 9.25
N GLN B 160 -36.92 -2.90 10.06
CA GLN B 160 -36.27 -1.81 10.77
C GLN B 160 -34.76 -1.91 10.61
N ILE B 161 -34.13 -0.76 10.41
CA ILE B 161 -32.68 -0.67 10.25
C ILE B 161 -32.17 0.53 11.04
N VAL B 162 -31.08 0.32 11.78
CA VAL B 162 -30.34 1.39 12.43
C VAL B 162 -29.07 1.62 11.65
N THR B 163 -28.82 2.87 11.26
CA THR B 163 -27.68 3.21 10.42
C THR B 163 -26.89 4.35 11.06
N SER B 164 -25.59 4.13 11.27
CA SER B 164 -24.68 5.23 11.54
C SER B 164 -24.45 6.02 10.26
N SER B 165 -23.92 7.23 10.43
CA SER B 165 -23.73 8.13 9.31
C SER B 165 -22.48 8.97 9.53
N GLY B 166 -22.06 9.62 8.46
CA GLY B 166 -20.96 10.57 8.52
C GLY B 166 -21.35 11.93 9.07
N ASP B 167 -22.65 12.21 9.17
CA ASP B 167 -23.14 13.49 9.64
C ASP B 167 -23.50 13.47 11.13
N THR B 168 -22.90 12.57 11.90
CA THR B 168 -23.10 12.51 13.33
C THR B 168 -24.57 12.22 13.65
N THR B 169 -25.05 11.07 13.18
CA THR B 169 -26.44 10.68 13.41
C THR B 169 -26.54 9.17 13.26
N CYS B 170 -27.59 8.61 13.85
CA CYS B 170 -27.82 7.17 13.86
C CYS B 170 -29.29 6.86 13.55
N ALA B 171 -29.82 7.51 12.52
CA ALA B 171 -31.25 7.43 12.24
C ALA B 171 -31.73 5.98 12.20
N LEU B 172 -33.01 5.80 12.50
CA LEU B 172 -33.69 4.51 12.39
C LEU B 172 -34.73 4.60 11.27
N TRP B 173 -34.88 3.51 10.54
CA TRP B 173 -35.65 3.51 9.30
C TRP B 173 -36.77 2.49 9.35
N ASP B 174 -37.74 2.66 8.46
CA ASP B 174 -38.80 1.69 8.21
C ASP B 174 -38.69 1.29 6.74
N ILE B 175 -38.25 0.05 6.49
CA ILE B 175 -37.96 -0.36 5.12
C ILE B 175 -39.21 -0.31 4.26
N GLU B 176 -40.35 -0.72 4.84
CA GLU B 176 -41.59 -0.77 4.05
C GLU B 176 -41.94 0.59 3.47
N THR B 177 -41.98 1.61 4.32
CA THR B 177 -42.30 2.96 3.85
C THR B 177 -41.08 3.75 3.43
N GLY B 178 -39.88 3.23 3.66
CA GLY B 178 -38.67 3.94 3.27
C GLY B 178 -38.55 5.31 3.89
N GLN B 179 -39.18 5.53 5.03
CA GLN B 179 -39.16 6.81 5.72
C GLN B 179 -38.51 6.64 7.09
N GLN B 180 -37.70 7.63 7.46
CA GLN B 180 -37.00 7.59 8.74
C GLN B 180 -37.97 7.94 9.87
N THR B 181 -37.93 7.14 10.95
CA THR B 181 -38.89 7.29 12.04
C THR B 181 -38.31 8.07 13.22
N THR B 182 -37.20 7.59 13.78
CA THR B 182 -36.57 8.24 14.93
C THR B 182 -35.09 8.41 14.67
N THR B 183 -34.59 9.63 14.91
CA THR B 183 -33.20 9.96 14.67
C THR B 183 -32.51 10.25 16.00
N PHE B 184 -31.30 9.73 16.16
CA PHE B 184 -30.50 9.92 17.36
C PHE B 184 -29.39 10.92 17.07
N THR B 185 -29.28 11.95 17.92
CA THR B 185 -28.30 13.01 17.74
C THR B 185 -27.61 13.32 19.06
N GLY B 186 -26.43 13.92 18.97
CA GLY B 186 -25.65 14.24 20.15
C GLY B 186 -24.16 14.06 19.94
N HIS B 187 -23.76 13.17 19.03
CA HIS B 187 -22.36 13.06 18.67
C HIS B 187 -21.90 14.30 17.92
N THR B 188 -20.63 14.66 18.12
CA THR B 188 -20.04 15.79 17.41
C THR B 188 -19.16 15.36 16.24
N GLY B 189 -18.46 14.24 16.37
CA GLY B 189 -17.73 13.65 15.27
C GLY B 189 -18.55 12.56 14.63
N ASP B 190 -18.26 12.28 13.36
CA ASP B 190 -19.07 11.31 12.61
C ASP B 190 -19.05 9.96 13.29
N VAL B 191 -20.21 9.29 13.28
CA VAL B 191 -20.33 8.00 13.94
C VAL B 191 -19.65 6.93 13.09
N MET B 192 -19.11 5.91 13.76
CA MET B 192 -18.27 4.92 13.09
C MET B 192 -18.74 3.48 13.25
N SER B 193 -19.62 3.17 14.20
CA SER B 193 -20.04 1.78 14.38
C SER B 193 -21.30 1.72 15.22
N LEU B 194 -21.94 0.55 15.21
CA LEU B 194 -23.09 0.23 16.04
C LEU B 194 -22.88 -1.13 16.69
N SER B 195 -23.73 -1.44 17.66
CA SER B 195 -23.84 -2.80 18.16
C SER B 195 -25.17 -2.92 18.89
N LEU B 196 -26.09 -3.70 18.35
CA LEU B 196 -27.40 -3.87 18.97
C LEU B 196 -27.31 -4.80 20.17
N ALA B 197 -28.07 -4.49 21.21
CA ALA B 197 -28.17 -5.38 22.34
C ALA B 197 -28.94 -6.65 21.95
N PRO B 198 -28.72 -7.76 22.66
CA PRO B 198 -29.54 -8.95 22.40
C PRO B 198 -31.02 -8.70 22.56
N ASP B 199 -31.42 -7.87 23.53
CA ASP B 199 -32.82 -7.54 23.71
C ASP B 199 -33.31 -6.53 22.68
N THR B 200 -32.40 -5.88 21.96
CA THR B 200 -32.74 -4.96 20.87
C THR B 200 -33.69 -3.85 21.32
N ARG B 201 -33.47 -3.34 22.54
CA ARG B 201 -34.05 -2.07 22.96
C ARG B 201 -32.98 -0.99 23.11
N LEU B 202 -31.71 -1.36 23.12
CA LEU B 202 -30.61 -0.43 23.33
C LEU B 202 -29.53 -0.71 22.30
N PHE B 203 -28.72 0.31 22.00
CA PHE B 203 -27.58 0.13 21.13
C PHE B 203 -26.58 1.24 21.39
N VAL B 204 -25.32 0.96 21.04
CA VAL B 204 -24.21 1.86 21.33
C VAL B 204 -23.61 2.34 20.01
N SER B 205 -23.10 3.57 20.02
CA SER B 205 -22.56 4.20 18.82
C SER B 205 -21.27 4.94 19.17
N GLY B 206 -20.14 4.38 18.77
CA GLY B 206 -18.87 5.07 18.92
C GLY B 206 -18.59 5.95 17.72
N ALA B 207 -18.03 7.12 17.97
CA ALA B 207 -17.85 8.14 16.96
C ALA B 207 -16.43 8.70 17.02
N CYS B 208 -16.19 9.72 16.18
CA CYS B 208 -14.88 10.37 16.09
C CYS B 208 -14.75 11.53 17.06
N ASP B 209 -15.55 11.56 18.13
CA ASP B 209 -15.38 12.53 19.21
C ASP B 209 -14.80 11.87 20.45
N ALA B 210 -14.24 10.68 20.30
CA ALA B 210 -13.66 9.94 21.43
C ALA B 210 -14.68 9.77 22.55
N SER B 211 -15.91 9.45 22.18
CA SER B 211 -16.96 9.26 23.17
C SER B 211 -18.07 8.43 22.55
N ALA B 212 -18.33 7.25 23.12
CA ALA B 212 -19.48 6.45 22.74
C ALA B 212 -20.70 6.87 23.58
N LYS B 213 -21.88 6.57 23.05
CA LYS B 213 -23.12 6.95 23.70
C LYS B 213 -24.10 5.79 23.61
N LEU B 214 -24.89 5.60 24.67
CA LEU B 214 -25.85 4.52 24.76
C LEU B 214 -27.23 5.06 24.41
N TRP B 215 -27.81 4.54 23.34
CA TRP B 215 -29.13 4.95 22.90
C TRP B 215 -30.16 3.86 23.20
N ASP B 216 -31.40 4.29 23.37
CA ASP B 216 -32.54 3.38 23.55
C ASP B 216 -33.50 3.54 22.38
N VAL B 217 -33.85 2.42 21.75
CA VAL B 217 -34.56 2.46 20.48
C VAL B 217 -35.95 3.07 20.65
N ARG B 218 -36.64 2.72 21.73
CA ARG B 218 -38.05 3.06 21.85
C ARG B 218 -38.26 4.57 21.96
N GLU B 219 -37.74 5.19 23.02
CA GLU B 219 -38.02 6.60 23.27
C GLU B 219 -37.00 7.54 22.65
N GLY B 220 -35.96 7.02 22.00
CA GLY B 220 -35.05 7.86 21.24
C GLY B 220 -34.30 8.90 22.04
N MET B 221 -33.70 8.50 23.16
CA MET B 221 -32.92 9.41 23.99
C MET B 221 -31.56 8.80 24.30
N CYS B 222 -30.61 9.68 24.62
CA CYS B 222 -29.27 9.25 25.02
C CYS B 222 -29.27 8.96 26.52
N ARG B 223 -29.18 7.68 26.87
CA ARG B 223 -29.25 7.31 28.28
C ARG B 223 -27.94 7.63 29.00
N GLN B 224 -26.81 7.31 28.40
CA GLN B 224 -25.52 7.46 29.05
C GLN B 224 -24.45 7.77 28.01
N THR B 225 -23.48 8.58 28.42
CA THR B 225 -22.33 8.90 27.58
C THR B 225 -21.07 8.40 28.26
N PHE B 226 -20.27 7.64 27.53
CA PHE B 226 -19.01 7.09 28.04
C PHE B 226 -17.85 7.73 27.29
N THR B 227 -16.79 8.07 28.03
CA THR B 227 -15.59 8.62 27.42
C THR B 227 -14.39 8.22 28.27
N GLY B 228 -13.48 7.46 27.67
CA GLY B 228 -12.22 7.14 28.31
C GLY B 228 -11.08 7.05 27.31
N HIS B 229 -11.35 7.41 26.07
CA HIS B 229 -10.40 7.23 24.97
C HIS B 229 -9.67 8.53 24.67
N GLU B 230 -8.68 8.41 23.77
CA GLU B 230 -7.82 9.52 23.43
C GLU B 230 -7.84 9.85 21.94
N SER B 231 -8.62 9.14 21.14
CA SER B 231 -8.67 9.33 19.70
C SER B 231 -10.00 8.81 19.18
N ASP B 232 -10.10 8.66 17.87
CA ASP B 232 -11.34 8.27 17.23
C ASP B 232 -11.68 6.81 17.55
N ILE B 233 -12.93 6.57 17.93
CA ILE B 233 -13.41 5.22 18.19
C ILE B 233 -13.88 4.62 16.86
N ASN B 234 -13.40 3.42 16.55
CA ASN B 234 -13.57 2.84 15.22
C ASN B 234 -14.64 1.76 15.16
N ALA B 235 -14.60 0.79 16.06
CA ALA B 235 -15.50 -0.36 15.94
C ALA B 235 -15.72 -0.96 17.33
N ILE B 236 -16.98 -1.09 17.72
CA ILE B 236 -17.35 -1.51 19.06
C ILE B 236 -18.25 -2.73 18.97
N CYS B 237 -18.09 -3.63 19.94
CA CYS B 237 -18.95 -4.80 20.08
C CYS B 237 -19.56 -4.76 21.46
N PHE B 238 -20.69 -5.45 21.61
CA PHE B 238 -21.54 -5.30 22.79
C PHE B 238 -21.51 -6.62 23.56
N PHE B 239 -21.19 -6.54 24.85
CA PHE B 239 -20.89 -7.74 25.61
C PHE B 239 -22.08 -8.69 25.62
N PRO B 240 -21.85 -10.01 25.52
CA PRO B 240 -22.97 -10.97 25.47
C PRO B 240 -24.09 -10.72 26.48
N ASN B 241 -23.77 -10.63 27.78
CA ASN B 241 -24.84 -10.60 28.78
C ASN B 241 -25.74 -9.38 28.59
N GLY B 242 -25.22 -8.31 28.02
CA GLY B 242 -25.98 -7.11 27.77
C GLY B 242 -25.64 -5.90 28.62
N ASN B 243 -24.62 -5.98 29.46
CA ASN B 243 -24.27 -4.88 30.36
C ASN B 243 -22.82 -4.44 30.20
N ALA B 244 -22.33 -4.37 28.96
CA ALA B 244 -20.96 -3.91 28.73
C ALA B 244 -20.73 -3.87 27.22
N PHE B 245 -19.58 -3.31 26.84
CA PHE B 245 -19.19 -3.25 25.44
C PHE B 245 -17.74 -2.80 25.33
N ALA B 246 -17.00 -3.44 24.42
CA ALA B 246 -15.64 -3.01 24.12
C ALA B 246 -15.67 -1.92 23.05
N THR B 247 -14.54 -1.20 22.93
CA THR B 247 -14.50 0.01 22.13
C THR B 247 -13.58 -0.08 20.93
N GLY B 248 -12.30 -0.39 21.11
CA GLY B 248 -11.43 -0.56 19.95
C GLY B 248 -11.25 0.69 19.10
N SER B 249 -10.53 1.69 19.61
CA SER B 249 -10.34 2.95 18.92
C SER B 249 -9.00 3.00 18.20
N ASP B 250 -8.79 4.10 17.48
CA ASP B 250 -7.48 4.42 16.90
C ASP B 250 -6.41 4.66 17.96
N ASP B 251 -6.79 4.65 19.23
CA ASP B 251 -5.87 4.78 20.35
C ASP B 251 -5.00 3.54 20.53
N ALA B 252 -5.12 2.54 19.67
CA ALA B 252 -4.36 1.30 19.72
C ALA B 252 -4.79 0.41 20.87
N THR B 253 -5.93 0.67 21.49
CA THR B 253 -6.36 -0.04 22.68
C THR B 253 -7.86 -0.29 22.65
N CYS B 254 -8.26 -1.35 23.35
CA CYS B 254 -9.67 -1.68 23.56
C CYS B 254 -9.97 -1.42 25.03
N ARG B 255 -11.11 -0.79 25.30
CA ARG B 255 -11.56 -0.57 26.67
C ARG B 255 -12.94 -1.20 26.83
N LEU B 256 -13.12 -1.97 27.90
CA LEU B 256 -14.38 -2.65 28.18
C LEU B 256 -15.15 -1.81 29.19
N PHE B 257 -16.16 -1.10 28.71
CA PHE B 257 -17.06 -0.35 29.58
C PHE B 257 -18.19 -1.24 30.06
N ASP B 258 -18.90 -0.76 31.07
CA ASP B 258 -20.02 -1.50 31.65
C ASP B 258 -21.15 -0.56 32.00
N LEU B 259 -22.36 -0.94 31.60
CA LEU B 259 -23.56 -0.26 32.05
C LEU B 259 -23.84 -0.63 33.51
N ARG B 260 -24.68 0.16 34.15
CA ARG B 260 -24.98 0.14 35.57
C ARG B 260 -23.86 0.76 36.39
N ALA B 261 -22.75 1.15 35.79
CA ALA B 261 -21.63 1.75 36.51
C ALA B 261 -21.15 3.04 35.87
N ASP B 262 -21.35 3.21 34.55
CA ASP B 262 -20.91 4.39 33.84
C ASP B 262 -19.41 4.62 34.01
N GLN B 263 -18.61 3.56 33.92
CA GLN B 263 -17.17 3.70 33.99
C GLN B 263 -16.49 2.63 33.16
N GLU B 264 -15.22 2.84 32.78
CA GLU B 264 -14.45 1.84 32.00
C GLU B 264 -13.89 0.81 33.00
N LEU B 265 -14.20 -0.48 32.81
CA LEU B 265 -13.75 -1.56 33.74
C LEU B 265 -12.26 -1.84 33.53
N MET B 266 -11.81 -2.02 32.29
CA MET B 266 -10.40 -2.38 32.00
C MET B 266 -9.91 -1.76 30.69
N THR B 267 -8.61 -1.86 30.39
CA THR B 267 -7.99 -1.35 29.18
C THR B 267 -7.07 -2.42 28.62
N TYR B 268 -7.24 -2.74 27.34
CA TYR B 268 -6.44 -3.74 26.63
C TYR B 268 -5.44 -3.00 25.76
N SER B 269 -4.19 -2.95 26.21
CA SER B 269 -3.15 -2.25 25.47
C SER B 269 -1.80 -2.85 25.82
N HIS B 270 -0.92 -2.92 24.83
CA HIS B 270 0.44 -3.40 25.00
C HIS B 270 1.38 -2.47 24.26
N ASP B 271 2.55 -2.22 24.85
CA ASP B 271 3.43 -1.17 24.34
C ASP B 271 3.94 -1.47 22.93
N ASN B 272 3.96 -2.73 22.51
CA ASN B 272 4.43 -3.05 21.17
C ASN B 272 3.38 -2.72 20.10
N ILE B 273 2.10 -2.89 20.42
CA ILE B 273 1.05 -2.54 19.46
C ILE B 273 1.04 -1.03 19.31
N ILE B 274 1.41 -0.56 18.12
CA ILE B 274 1.62 0.86 17.85
C ILE B 274 0.57 1.44 16.91
N CYS B 275 -0.24 0.60 16.29
CA CYS B 275 -1.21 1.04 15.32
C CYS B 275 -2.61 1.12 15.94
N GLY B 276 -3.56 1.63 15.17
CA GLY B 276 -4.93 1.76 15.62
C GLY B 276 -5.70 0.46 15.53
N ILE B 277 -7.01 0.56 15.78
CA ILE B 277 -7.91 -0.58 15.78
C ILE B 277 -9.08 -0.26 14.86
N THR B 278 -9.54 -1.27 14.13
CA THR B 278 -10.59 -1.10 13.14
C THR B 278 -11.71 -2.11 13.26
N SER B 279 -11.62 -3.04 14.20
CA SER B 279 -12.67 -4.03 14.38
C SER B 279 -12.57 -4.61 15.79
N VAL B 280 -13.70 -5.06 16.32
CA VAL B 280 -13.74 -5.65 17.65
C VAL B 280 -14.90 -6.63 17.68
N SER B 281 -14.71 -7.72 18.44
CA SER B 281 -15.75 -8.70 18.61
C SER B 281 -15.47 -9.49 19.88
N PHE B 282 -16.49 -10.18 20.36
CA PHE B 282 -16.43 -11.01 21.54
C PHE B 282 -16.59 -12.48 21.14
N SER B 283 -16.65 -13.36 22.13
CA SER B 283 -16.86 -14.77 21.91
C SER B 283 -18.25 -15.15 22.40
N LYS B 284 -18.55 -16.45 22.31
CA LYS B 284 -19.86 -16.93 22.75
C LYS B 284 -20.12 -16.57 24.20
N SER B 285 -19.17 -16.91 25.09
CA SER B 285 -19.29 -16.57 26.50
C SER B 285 -18.74 -15.19 26.83
N GLY B 286 -18.10 -14.53 25.86
CA GLY B 286 -17.55 -13.20 26.07
C GLY B 286 -16.17 -13.18 26.69
N ARG B 287 -15.64 -14.32 27.11
CA ARG B 287 -14.35 -14.32 27.80
C ARG B 287 -13.24 -13.83 26.89
N LEU B 288 -13.25 -14.24 25.62
CA LEU B 288 -12.21 -13.87 24.68
C LEU B 288 -12.66 -12.68 23.84
N LEU B 289 -11.81 -11.67 23.76
CA LEU B 289 -12.06 -10.49 22.93
C LEU B 289 -11.14 -10.54 21.73
N LEU B 290 -11.71 -10.40 20.53
CA LEU B 290 -10.97 -10.44 19.27
C LEU B 290 -11.03 -9.06 18.63
N ALA B 291 -9.88 -8.49 18.33
CA ALA B 291 -9.79 -7.14 17.76
C ALA B 291 -8.79 -7.12 16.62
N GLY B 292 -9.18 -6.50 15.51
CA GLY B 292 -8.31 -6.33 14.36
C GLY B 292 -7.52 -5.04 14.47
N TYR B 293 -6.44 -4.95 13.71
CA TYR B 293 -5.52 -3.82 13.77
C TYR B 293 -5.09 -3.44 12.36
N ASP B 294 -4.49 -2.26 12.26
CA ASP B 294 -3.96 -1.76 10.99
C ASP B 294 -2.70 -2.47 10.54
N ASP B 295 -2.12 -3.32 11.38
CA ASP B 295 -0.88 -4.03 11.08
C ASP B 295 -1.16 -5.43 10.56
N PHE B 296 -2.23 -5.58 9.76
CA PHE B 296 -2.66 -6.87 9.23
C PHE B 296 -2.49 -7.97 10.26
N ASN B 297 -3.05 -7.77 11.46
CA ASN B 297 -2.92 -8.73 12.54
C ASN B 297 -4.08 -8.57 13.50
N CYS B 298 -4.91 -9.59 13.60
CA CYS B 298 -5.91 -9.69 14.67
C CYS B 298 -5.35 -10.59 15.76
N ASN B 299 -5.43 -10.13 17.00
CA ASN B 299 -4.95 -10.91 18.14
C ASN B 299 -6.06 -11.00 19.19
N VAL B 300 -6.18 -12.15 19.79
CA VAL B 300 -7.24 -12.44 20.75
C VAL B 300 -6.85 -11.89 22.10
N TRP B 301 -7.83 -11.36 22.82
CA TRP B 301 -7.63 -10.74 24.11
C TRP B 301 -8.44 -11.46 25.17
N ASP B 302 -7.90 -11.54 26.38
CA ASP B 302 -8.62 -12.10 27.52
C ASP B 302 -9.41 -10.98 28.16
N ALA B 303 -10.73 -10.99 27.95
CA ALA B 303 -11.57 -9.87 28.39
C ALA B 303 -11.50 -9.62 29.88
N LEU B 304 -11.13 -10.62 30.68
CA LEU B 304 -11.04 -10.46 32.13
C LEU B 304 -9.62 -10.22 32.64
N LYS B 305 -8.60 -10.55 31.85
CA LYS B 305 -7.19 -10.48 32.32
C LYS B 305 -6.37 -9.45 31.53
N ALA B 306 -6.87 -8.91 30.41
CA ALA B 306 -6.13 -7.93 29.60
C ALA B 306 -4.72 -8.43 29.31
N ASP B 307 -4.64 -9.68 28.86
CA ASP B 307 -3.40 -10.25 28.37
C ASP B 307 -3.66 -10.94 27.04
N ARG B 308 -2.67 -10.89 26.16
CA ARG B 308 -2.84 -11.48 24.84
C ARG B 308 -2.99 -13.00 24.96
N ALA B 309 -3.72 -13.59 24.00
CA ALA B 309 -3.94 -15.02 23.98
C ALA B 309 -3.82 -15.60 22.58
N GLY B 310 -3.23 -14.87 21.66
CA GLY B 310 -2.97 -15.38 20.32
C GLY B 310 -3.02 -14.29 19.28
N VAL B 311 -2.51 -14.61 18.10
CA VAL B 311 -2.58 -13.73 16.94
C VAL B 311 -3.28 -14.47 15.81
N LEU B 312 -3.75 -13.70 14.84
CA LEU B 312 -4.45 -14.23 13.67
C LEU B 312 -3.81 -13.68 12.40
N ALA B 313 -2.48 -13.71 12.34
CA ALA B 313 -1.74 -13.19 11.20
C ALA B 313 -2.02 -14.07 9.98
N GLY B 314 -2.90 -13.61 9.10
CA GLY B 314 -3.21 -14.34 7.88
C GLY B 314 -3.44 -13.40 6.70
N HIS B 315 -3.07 -12.13 6.87
CA HIS B 315 -3.27 -11.12 5.84
C HIS B 315 -2.00 -10.29 5.71
N ASP B 316 -1.81 -9.71 4.52
CA ASP B 316 -0.72 -8.78 4.29
C ASP B 316 -1.15 -7.32 4.40
N ASN B 317 -2.46 -7.06 4.47
CA ASN B 317 -2.99 -5.71 4.55
C ASN B 317 -4.01 -5.64 5.68
N ARG B 318 -4.34 -4.40 6.06
CA ARG B 318 -5.19 -4.13 7.22
C ARG B 318 -6.36 -5.11 7.31
N VAL B 319 -6.61 -5.59 8.53
CA VAL B 319 -7.78 -6.41 8.82
C VAL B 319 -8.94 -5.43 9.04
N SER B 320 -9.75 -5.24 8.00
CA SER B 320 -10.78 -4.21 8.03
C SER B 320 -12.09 -4.69 8.63
N CYS B 321 -12.21 -5.97 8.99
CA CYS B 321 -13.45 -6.47 9.56
C CYS B 321 -13.19 -7.82 10.21
N LEU B 322 -14.10 -8.20 11.11
CA LEU B 322 -14.07 -9.53 11.69
C LEU B 322 -15.35 -9.73 12.49
N GLY B 323 -15.80 -10.97 12.55
CA GLY B 323 -16.97 -11.31 13.33
C GLY B 323 -16.95 -12.77 13.73
N VAL B 324 -17.67 -13.05 14.81
CA VAL B 324 -17.81 -14.41 15.31
C VAL B 324 -19.22 -14.88 15.00
N THR B 325 -19.36 -16.18 14.77
CA THR B 325 -20.66 -16.74 14.45
C THR B 325 -21.59 -16.64 15.65
N ASP B 326 -22.90 -16.70 15.37
CA ASP B 326 -23.88 -16.62 16.44
C ASP B 326 -23.71 -17.76 17.43
N ASP B 327 -23.46 -18.97 16.91
CA ASP B 327 -23.15 -20.10 17.79
C ASP B 327 -21.71 -20.07 18.30
N GLY B 328 -20.83 -19.34 17.62
CA GLY B 328 -19.47 -19.17 18.08
C GLY B 328 -18.50 -20.24 17.66
N MET B 329 -18.91 -21.19 16.81
CA MET B 329 -18.03 -22.28 16.40
C MET B 329 -16.91 -21.83 15.48
N ALA B 330 -16.96 -20.61 14.96
CA ALA B 330 -15.97 -20.15 14.00
C ALA B 330 -15.82 -18.64 14.09
N VAL B 331 -14.72 -18.15 13.50
CA VAL B 331 -14.46 -16.72 13.40
C VAL B 331 -14.05 -16.43 11.97
N ALA B 332 -14.34 -15.23 11.51
CA ALA B 332 -14.00 -14.82 10.16
C ALA B 332 -13.40 -13.42 10.20
N THR B 333 -12.34 -13.21 9.43
CA THR B 333 -11.70 -11.91 9.31
C THR B 333 -11.53 -11.57 7.84
N GLY B 334 -11.83 -10.32 7.51
CA GLY B 334 -11.54 -9.80 6.19
C GLY B 334 -10.43 -8.79 6.30
N SER B 335 -9.79 -8.47 5.17
CA SER B 335 -8.65 -7.56 5.21
C SER B 335 -8.53 -6.85 3.88
N TRP B 336 -7.67 -5.83 3.85
CA TRP B 336 -7.46 -5.06 2.64
C TRP B 336 -6.74 -5.85 1.56
N ASP B 337 -6.21 -7.03 1.89
CA ASP B 337 -5.53 -7.87 0.91
C ASP B 337 -6.49 -8.55 -0.06
N SER B 338 -7.79 -8.36 0.11
CA SER B 338 -8.84 -8.87 -0.77
C SER B 338 -9.11 -10.36 -0.57
N PHE B 339 -8.79 -10.91 0.60
CA PHE B 339 -9.11 -12.30 0.91
C PHE B 339 -9.82 -12.36 2.25
N LEU B 340 -10.85 -13.19 2.31
CA LEU B 340 -11.66 -13.38 3.52
C LEU B 340 -11.31 -14.73 4.12
N LYS B 341 -11.00 -14.74 5.41
CA LYS B 341 -10.51 -15.93 6.08
C LYS B 341 -11.48 -16.37 7.16
N ILE B 342 -11.64 -17.68 7.30
CA ILE B 342 -12.55 -18.28 8.28
C ILE B 342 -11.71 -19.13 9.21
N TRP B 343 -11.66 -18.72 10.49
CA TRP B 343 -10.85 -19.42 11.49
C TRP B 343 -11.73 -20.35 12.31
N ASN B 344 -11.10 -21.06 13.24
CA ASN B 344 -11.80 -22.03 14.06
C ASN B 344 -11.14 -22.19 15.43
N GLN C 24 -11.72 12.76 28.82
CA GLN C 24 -11.86 14.00 28.01
C GLN C 24 -10.52 14.65 27.75
N VAL C 25 -9.97 14.44 26.55
CA VAL C 25 -8.69 15.05 26.19
C VAL C 25 -8.90 16.56 26.08
N GLN C 26 -8.09 17.30 26.83
CA GLN C 26 -8.19 18.75 26.88
C GLN C 26 -6.83 19.36 26.59
N LEU C 27 -6.82 20.43 25.80
CA LEU C 27 -5.61 21.18 25.47
C LEU C 27 -5.89 22.64 25.77
N GLN C 28 -5.30 23.17 26.83
CA GLN C 28 -5.56 24.53 27.27
C GLN C 28 -4.38 25.42 26.89
N GLU C 29 -4.68 26.55 26.26
CA GLU C 29 -3.68 27.49 25.76
C GLU C 29 -3.58 28.69 26.68
N SER C 30 -2.45 29.39 26.58
CA SER C 30 -2.24 30.59 27.38
C SER C 30 -1.09 31.39 26.79
N GLY C 31 -1.13 32.70 27.04
CA GLY C 31 -0.11 33.62 26.59
C GLY C 31 -0.58 34.65 25.59
N GLY C 32 -1.75 34.47 24.99
CA GLY C 32 -2.26 35.40 24.02
C GLY C 32 -2.51 36.78 24.59
N GLY C 33 -1.98 37.81 23.94
CA GLY C 33 -2.17 39.18 24.41
C GLY C 33 -1.71 40.17 23.37
N LEU C 34 -1.96 41.44 23.66
CA LEU C 34 -1.61 42.51 22.74
C LEU C 34 -0.10 42.73 22.72
N VAL C 35 0.42 43.02 21.53
CA VAL C 35 1.86 43.26 21.34
C VAL C 35 2.03 44.21 20.18
N GLN C 36 2.93 45.19 20.34
CA GLN C 36 3.20 46.13 19.27
C GLN C 36 3.96 45.45 18.14
N PRO C 37 3.79 45.93 16.91
CA PRO C 37 4.40 45.25 15.76
C PRO C 37 5.91 45.18 15.88
N GLY C 38 6.47 44.06 15.43
CA GLY C 38 7.90 43.84 15.49
C GLY C 38 8.40 43.23 16.79
N GLY C 39 7.52 43.06 17.77
CA GLY C 39 7.92 42.54 19.07
C GLY C 39 7.97 41.02 19.09
N SER C 40 8.05 40.49 20.30
CA SER C 40 8.12 39.06 20.55
C SER C 40 6.94 38.59 21.38
N LEU C 41 6.63 37.30 21.27
CA LEU C 41 5.56 36.70 22.05
C LEU C 41 5.63 35.18 21.98
N ARG C 42 5.56 34.52 23.14
CA ARG C 42 5.53 33.07 23.23
C ARG C 42 4.30 32.63 24.01
N LEU C 43 3.64 31.58 23.53
CA LEU C 43 2.44 31.05 24.15
C LEU C 43 2.51 29.53 24.19
N SER C 44 1.83 28.94 25.17
CA SER C 44 2.00 27.54 25.52
C SER C 44 0.71 26.77 25.33
N CYS C 45 0.80 25.45 25.57
CA CYS C 45 -0.34 24.55 25.47
C CYS C 45 -0.14 23.39 26.44
N ALA C 46 -0.76 23.49 27.61
CA ALA C 46 -0.66 22.44 28.63
C ALA C 46 -1.73 21.39 28.34
N ALA C 47 -1.36 20.36 27.59
CA ALA C 47 -2.28 19.29 27.25
C ALA C 47 -2.45 18.34 28.43
N SER C 48 -3.50 17.52 28.34
CA SER C 48 -3.78 16.53 29.38
C SER C 48 -4.85 15.59 28.85
N GLY C 49 -4.95 14.42 29.49
CA GLY C 49 -5.89 13.40 29.14
C GLY C 49 -5.32 12.33 28.21
N PHE C 50 -4.22 12.63 27.53
CA PHE C 50 -3.56 11.69 26.64
C PHE C 50 -2.06 11.78 26.85
N THR C 51 -1.33 10.90 26.15
CA THR C 51 0.13 10.84 26.24
C THR C 51 0.70 11.80 25.21
N PHE C 52 1.12 12.98 25.68
CA PHE C 52 1.59 14.04 24.79
C PHE C 52 3.05 13.78 24.41
N SER C 53 3.32 12.58 23.92
CA SER C 53 4.67 12.20 23.49
C SER C 53 4.69 11.48 22.17
N ASN C 54 3.54 10.97 21.70
CA ASN C 54 3.47 10.19 20.47
C ASN C 54 2.43 10.76 19.50
N TYR C 55 2.02 12.00 19.70
CA TYR C 55 1.04 12.66 18.85
C TYR C 55 1.69 13.82 18.15
N LYS C 56 1.61 13.83 16.82
CA LYS C 56 1.99 15.02 16.08
C LYS C 56 0.98 16.13 16.37
N MET C 57 1.45 17.37 16.33
CA MET C 57 0.63 18.49 16.75
C MET C 57 0.92 19.70 15.87
N ASN C 58 0.00 20.67 15.92
CA ASN C 58 0.01 21.80 15.00
C ASN C 58 -0.32 23.07 15.75
N TRP C 59 -0.22 24.20 15.04
CA TRP C 59 -0.74 25.48 15.49
C TRP C 59 -1.51 26.09 14.34
N VAL C 60 -2.84 26.11 14.46
CA VAL C 60 -3.73 26.62 13.43
C VAL C 60 -4.32 27.92 13.93
N ARG C 61 -4.26 28.97 13.10
CA ARG C 61 -4.77 30.27 13.45
C ARG C 61 -5.98 30.62 12.59
N GLN C 62 -6.86 31.46 13.14
CA GLN C 62 -8.12 31.84 12.49
C GLN C 62 -8.21 33.36 12.49
N ALA C 63 -7.65 33.98 11.46
CA ALA C 63 -7.61 35.43 11.36
C ALA C 63 -8.96 35.98 10.89
N PRO C 64 -9.24 37.24 11.20
CA PRO C 64 -10.46 37.86 10.66
C PRO C 64 -10.42 37.90 9.14
N GLY C 65 -11.58 37.66 8.52
CA GLY C 65 -11.65 37.60 7.07
C GLY C 65 -11.10 36.32 6.48
N LYS C 66 -10.75 35.34 7.30
CA LYS C 66 -10.20 34.08 6.83
C LYS C 66 -10.75 32.95 7.67
N GLY C 67 -10.56 31.73 7.18
CA GLY C 67 -10.91 30.52 7.91
C GLY C 67 -9.75 30.02 8.75
N LEU C 68 -9.82 28.74 9.08
CA LEU C 68 -8.76 28.13 9.88
C LEU C 68 -7.57 27.80 8.99
N GLN C 69 -6.42 28.38 9.31
CA GLN C 69 -5.19 28.19 8.55
C GLN C 69 -4.23 27.30 9.31
N TRP C 70 -3.27 26.74 8.59
CA TRP C 70 -2.23 25.89 9.15
C TRP C 70 -0.91 26.67 9.20
N VAL C 71 -0.22 26.59 10.33
CA VAL C 71 1.02 27.34 10.52
C VAL C 71 2.19 26.41 10.87
N SER C 72 2.10 25.72 12.00
CA SER C 72 3.21 24.94 12.52
C SER C 72 2.87 23.45 12.49
N ASP C 73 3.91 22.63 12.39
CA ASP C 73 3.78 21.21 12.10
C ASP C 73 4.74 20.39 12.95
N ILE C 74 4.81 20.67 14.25
CA ILE C 74 5.72 19.92 15.13
C ILE C 74 5.42 18.43 15.03
N SER C 75 6.40 17.67 14.56
CA SER C 75 6.24 16.23 14.43
C SER C 75 6.41 15.55 15.78
N GLN C 76 6.28 14.23 15.79
CA GLN C 76 6.40 13.49 17.05
C GLN C 76 7.80 13.60 17.62
N SER C 77 8.83 13.53 16.78
CA SER C 77 10.21 13.52 17.27
C SER C 77 10.60 14.86 17.88
N GLY C 78 10.32 15.95 17.15
CA GLY C 78 10.76 17.28 17.55
C GLY C 78 11.85 17.85 16.68
N ALA C 79 12.27 17.11 15.63
CA ALA C 79 13.25 17.64 14.69
C ALA C 79 12.59 18.02 13.37
N SER C 80 11.50 17.33 13.02
CA SER C 80 10.76 17.62 11.79
C SER C 80 9.66 18.63 12.11
N ILE C 81 9.87 19.87 11.69
CA ILE C 81 8.92 20.95 11.92
C ILE C 81 8.77 21.73 10.61
N SER C 82 7.52 22.04 10.26
CA SER C 82 7.21 22.69 9.00
C SER C 82 6.49 24.02 9.26
N TYR C 83 6.46 24.86 8.23
CA TYR C 83 5.89 26.19 8.35
C TYR C 83 5.28 26.61 7.01
N THR C 84 4.40 27.59 7.08
CA THR C 84 3.84 28.19 5.87
C THR C 84 4.74 29.31 5.36
N GLY C 85 4.59 29.63 4.08
CA GLY C 85 5.44 30.64 3.48
C GLY C 85 5.34 31.98 4.18
N SER C 86 4.13 32.34 4.62
CA SER C 86 3.96 33.57 5.38
C SER C 86 4.72 33.54 6.69
N VAL C 87 5.13 32.36 7.16
CA VAL C 87 5.82 32.20 8.44
C VAL C 87 7.10 31.41 8.14
N LYS C 88 8.20 32.13 7.93
CA LYS C 88 9.49 31.48 7.72
C LYS C 88 10.58 32.39 8.25
N GLY C 89 11.44 31.85 9.11
CA GLY C 89 12.49 32.62 9.72
C GLY C 89 12.05 33.46 10.90
N ARG C 90 10.79 33.37 11.31
CA ARG C 90 10.27 34.18 12.40
C ARG C 90 9.64 33.35 13.52
N PHE C 91 8.95 32.27 13.20
CA PHE C 91 8.28 31.45 14.21
C PHE C 91 9.09 30.21 14.50
N THR C 92 9.07 29.76 15.74
CA THR C 92 9.69 28.52 16.17
C THR C 92 8.72 27.74 17.04
N ILE C 93 8.78 26.42 16.94
CA ILE C 93 7.89 25.54 17.68
C ILE C 93 8.72 24.48 18.39
N SER C 94 8.21 24.00 19.52
CA SER C 94 8.96 23.05 20.32
C SER C 94 8.00 22.26 21.22
N ARG C 95 8.45 21.09 21.63
CA ARG C 95 7.71 20.22 22.53
C ARG C 95 8.56 19.93 23.76
N ASP C 96 7.90 19.63 24.87
CA ASP C 96 8.59 19.28 26.11
C ASP C 96 7.75 18.21 26.82
N ASP C 97 8.15 16.95 26.67
CA ASP C 97 7.38 15.86 27.27
C ASP C 97 7.38 15.95 28.79
N ALA C 98 8.52 16.31 29.39
CA ALA C 98 8.60 16.36 30.84
C ALA C 98 7.61 17.38 31.40
N LYS C 99 7.51 18.55 30.77
CA LYS C 99 6.52 19.55 31.14
C LYS C 99 5.17 19.30 30.49
N ASN C 100 5.09 18.44 29.49
CA ASN C 100 3.82 18.05 28.87
C ASN C 100 3.10 19.28 28.30
N THR C 101 3.80 19.98 27.42
CA THR C 101 3.29 21.22 26.86
C THR C 101 3.88 21.45 25.48
N LEU C 102 3.15 22.21 24.66
CA LEU C 102 3.59 22.64 23.36
C LEU C 102 3.95 24.12 23.41
N TYR C 103 4.88 24.53 22.56
CA TYR C 103 5.42 25.89 22.58
C TYR C 103 5.51 26.45 21.17
N LEU C 104 5.01 27.66 20.98
CA LEU C 104 5.18 28.39 19.75
C LEU C 104 5.56 29.83 20.08
N GLN C 105 6.45 30.40 19.28
CA GLN C 105 6.96 31.74 19.52
C GLN C 105 6.94 32.53 18.23
N MET C 106 6.58 33.81 18.32
CA MET C 106 6.50 34.71 17.18
C MET C 106 7.47 35.86 17.40
N ASN C 107 8.39 36.06 16.44
CA ASN C 107 9.37 37.13 16.50
C ASN C 107 9.20 38.04 15.29
N SER C 108 9.26 39.35 15.54
CA SER C 108 9.12 40.35 14.48
C SER C 108 7.84 40.13 13.69
N LEU C 109 6.77 39.77 14.39
CA LEU C 109 5.51 39.49 13.74
C LEU C 109 4.91 40.76 13.14
N LYS C 110 4.29 40.61 11.98
CA LYS C 110 3.64 41.72 11.29
C LYS C 110 2.22 41.90 11.80
N PRO C 111 1.61 43.04 11.53
CA PRO C 111 0.23 43.26 11.99
C PRO C 111 -0.76 42.21 11.51
N ALA C 112 -0.46 41.51 10.41
CA ALA C 112 -1.38 40.53 9.86
C ALA C 112 -1.53 39.30 10.71
N ASP C 113 -0.78 39.17 11.81
CA ASP C 113 -0.89 38.05 12.73
C ASP C 113 -1.84 38.44 13.85
N THR C 114 -3.12 38.55 13.51
CA THR C 114 -4.16 39.03 14.41
C THR C 114 -5.28 38.01 14.50
N ALA C 115 -4.92 36.74 14.70
CA ALA C 115 -5.83 35.63 14.67
C ALA C 115 -6.06 35.08 16.07
N VAL C 116 -6.80 33.98 16.16
CA VAL C 116 -7.04 33.28 17.41
C VAL C 116 -6.33 31.93 17.31
N TYR C 117 -5.10 31.87 17.78
CA TYR C 117 -4.28 30.69 17.59
C TYR C 117 -4.80 29.54 18.44
N TYR C 118 -5.07 28.40 17.80
CA TYR C 118 -5.52 27.20 18.46
C TYR C 118 -4.41 26.16 18.46
N CYS C 119 -4.60 25.15 19.30
CA CYS C 119 -3.59 24.14 19.58
C CYS C 119 -4.13 22.79 19.12
N ALA C 120 -3.94 22.47 17.84
CA ALA C 120 -4.58 21.34 17.20
C ALA C 120 -3.70 20.10 17.30
N ARG C 121 -4.17 19.10 18.05
CA ARG C 121 -3.48 17.78 18.08
C ARG C 121 -4.05 17.01 16.90
N CYS C 122 -3.27 16.10 16.32
CA CYS C 122 -3.69 15.31 15.17
C CYS C 122 -4.30 13.99 15.64
N PRO C 123 -5.26 13.44 14.89
CA PRO C 123 -6.06 12.33 15.44
C PRO C 123 -5.30 11.02 15.59
N ALA C 124 -4.21 10.84 14.85
CA ALA C 124 -3.56 9.53 14.76
C ALA C 124 -2.24 9.54 15.52
N PRO C 125 -2.13 8.85 16.64
CA PRO C 125 -0.81 8.71 17.29
C PRO C 125 0.11 7.81 16.48
N PHE C 126 1.41 8.04 16.65
CA PHE C 126 2.45 7.22 16.02
C PHE C 126 2.47 7.35 14.51
N THR C 127 2.05 8.49 13.97
CA THR C 127 2.11 8.71 12.53
C THR C 127 2.13 10.20 12.25
N ARG C 128 2.58 10.55 11.04
CA ARG C 128 2.69 11.92 10.60
C ARG C 128 1.50 12.36 9.77
N ASP C 129 0.40 11.60 9.85
CA ASP C 129 -0.85 11.87 9.09
C ASP C 129 -1.68 12.90 9.86
N CYS C 130 -1.54 14.19 9.55
CA CYS C 130 -2.34 15.24 10.17
C CYS C 130 -3.32 15.70 9.11
N PHE C 131 -4.56 15.20 9.16
CA PHE C 131 -5.42 15.25 8.00
C PHE C 131 -6.56 16.27 8.14
N ASP C 132 -7.27 16.28 9.26
CA ASP C 132 -8.44 17.13 9.44
C ASP C 132 -8.30 17.97 10.70
N VAL C 133 -7.13 18.59 10.87
CA VAL C 133 -6.89 19.39 12.06
C VAL C 133 -7.48 20.79 11.93
N THR C 134 -7.56 21.31 10.71
CA THR C 134 -8.10 22.65 10.48
C THR C 134 -9.58 22.64 10.14
N SER C 135 -10.22 21.48 10.09
CA SER C 135 -11.62 21.40 9.72
C SER C 135 -12.49 22.05 10.79
N THR C 136 -13.65 22.53 10.37
CA THR C 136 -14.62 23.08 11.31
C THR C 136 -15.13 21.99 12.24
N ALA C 137 -15.36 22.35 13.50
CA ALA C 137 -15.90 21.43 14.49
C ALA C 137 -14.96 20.27 14.78
N TYR C 138 -13.66 20.49 14.65
CA TYR C 138 -12.69 19.47 15.01
C TYR C 138 -12.65 19.29 16.52
N ALA C 139 -12.29 18.09 16.96
CA ALA C 139 -12.45 17.69 18.35
C ALA C 139 -11.19 17.79 19.18
N TYR C 140 -10.05 18.17 18.59
CA TYR C 140 -8.77 18.15 19.30
C TYR C 140 -8.00 19.44 19.08
N ARG C 141 -8.67 20.58 19.20
CA ARG C 141 -7.98 21.86 19.35
C ARG C 141 -8.70 22.68 20.40
N GLY C 142 -7.93 23.20 21.35
CA GLY C 142 -8.51 23.95 22.45
C GLY C 142 -9.23 25.19 21.97
N GLN C 143 -9.71 25.96 22.95
CA GLN C 143 -10.50 27.14 22.63
C GLN C 143 -9.66 28.25 22.05
N GLY C 144 -8.36 28.26 22.33
CA GLY C 144 -7.45 29.22 21.74
C GLY C 144 -7.33 30.50 22.54
N THR C 145 -6.28 31.26 22.25
CA THR C 145 -5.99 32.53 22.89
C THR C 145 -6.03 33.64 21.86
N GLN C 146 -6.75 34.72 22.19
CA GLN C 146 -6.94 35.85 21.28
C GLN C 146 -5.67 36.69 21.22
N VAL C 147 -4.69 36.17 20.50
CA VAL C 147 -3.50 36.96 20.19
C VAL C 147 -3.93 38.20 19.42
N THR C 148 -3.30 39.33 19.73
CA THR C 148 -3.64 40.59 19.09
C THR C 148 -2.37 41.39 18.86
N VAL C 149 -2.40 42.22 17.81
CA VAL C 149 -1.28 43.11 17.47
C VAL C 149 -1.89 44.48 17.22
N SER C 150 -1.40 45.49 17.94
CA SER C 150 -1.91 46.85 17.82
C SER C 150 -1.02 47.64 16.86
N SER C 151 -1.23 48.95 16.82
CA SER C 151 -0.42 49.84 15.99
C SER C 151 -0.24 51.19 16.66
N SER D 60 52.36 -34.46 -38.97
CA SER D 60 52.10 -33.32 -38.03
C SER D 60 52.71 -32.03 -38.57
N PRO D 61 52.18 -30.88 -38.15
CA PRO D 61 52.78 -29.61 -38.58
C PRO D 61 54.16 -29.42 -37.97
N PRO D 62 54.85 -28.34 -38.34
CA PRO D 62 56.19 -28.12 -37.80
C PRO D 62 56.14 -27.89 -36.31
N PRO D 63 57.27 -28.07 -35.61
CA PRO D 63 57.31 -27.80 -34.17
C PRO D 63 57.38 -26.31 -33.88
N CYS D 64 57.20 -25.98 -32.61
CA CYS D 64 57.24 -24.60 -32.14
C CYS D 64 58.62 -24.23 -31.61
N GLN D 65 58.92 -22.94 -31.65
CA GLN D 65 60.20 -22.43 -31.15
C GLN D 65 60.23 -22.31 -29.63
N GLY D 66 59.09 -22.42 -28.96
CA GLY D 66 59.05 -22.32 -27.52
C GLY D 66 57.81 -22.96 -26.94
N PRO D 67 57.73 -23.06 -25.62
CA PRO D 67 56.59 -23.68 -24.97
C PRO D 67 55.44 -22.69 -24.76
N ILE D 68 54.29 -23.24 -24.39
CA ILE D 68 53.09 -22.47 -24.10
C ILE D 68 52.85 -22.54 -22.60
N GLU D 69 52.85 -21.38 -21.95
CA GLU D 69 52.61 -21.32 -20.51
C GLU D 69 51.95 -19.99 -20.17
N ILE D 70 51.31 -19.96 -19.01
CA ILE D 70 50.63 -18.78 -18.50
C ILE D 70 51.37 -18.30 -17.27
N LYS D 71 51.73 -17.02 -17.27
CA LYS D 71 52.53 -16.47 -16.18
C LYS D 71 51.82 -16.65 -14.85
N GLU D 72 52.57 -17.06 -13.83
CA GLU D 72 52.01 -17.15 -12.48
C GLU D 72 51.62 -15.77 -11.95
N THR D 73 52.23 -14.71 -12.47
CA THR D 73 51.82 -13.37 -12.07
C THR D 73 50.37 -13.10 -12.44
N PHE D 74 49.97 -13.47 -13.65
CA PHE D 74 48.59 -13.26 -14.07
C PHE D 74 47.63 -14.07 -13.21
N LYS D 75 48.01 -15.30 -12.86
CA LYS D 75 47.16 -16.13 -12.01
C LYS D 75 46.76 -15.39 -10.74
N TYR D 76 47.71 -14.67 -10.13
CA TYR D 76 47.38 -13.91 -8.94
C TYR D 76 46.32 -12.86 -9.24
N ILE D 77 46.48 -12.14 -10.35
CA ILE D 77 45.56 -11.04 -10.66
C ILE D 77 44.16 -11.56 -10.92
N ASN D 78 44.04 -12.58 -11.78
CA ASN D 78 42.71 -12.97 -12.25
C ASN D 78 41.92 -13.70 -11.17
N THR D 79 42.57 -14.62 -10.45
CA THR D 79 41.84 -15.40 -9.45
C THR D 79 41.16 -14.49 -8.44
N VAL D 80 41.75 -13.34 -8.14
CA VAL D 80 41.11 -12.40 -7.23
C VAL D 80 39.86 -11.81 -7.86
N VAL D 81 39.97 -11.38 -9.13
CA VAL D 81 38.82 -10.78 -9.80
C VAL D 81 37.68 -11.79 -9.91
N SER D 82 38.02 -13.05 -10.17
CA SER D 82 36.98 -14.08 -10.22
C SER D 82 36.30 -14.23 -8.87
N CYS D 83 37.07 -14.16 -7.79
CA CYS D 83 36.47 -14.28 -6.45
C CYS D 83 35.49 -13.15 -6.19
N LEU D 84 35.87 -11.91 -6.53
CA LEU D 84 34.98 -10.78 -6.30
C LEU D 84 33.67 -10.92 -7.08
N VAL D 85 33.78 -11.15 -8.39
CA VAL D 85 32.58 -11.21 -9.22
C VAL D 85 31.71 -12.39 -8.83
N PHE D 86 32.30 -13.47 -8.33
CA PHE D 86 31.49 -14.60 -7.88
C PHE D 86 30.61 -14.19 -6.70
N VAL D 87 31.20 -13.56 -5.69
CA VAL D 87 30.41 -13.09 -4.55
C VAL D 87 29.49 -11.96 -4.97
N LEU D 88 30.03 -10.96 -5.67
CA LEU D 88 29.25 -9.77 -5.98
C LEU D 88 28.09 -10.07 -6.92
N GLY D 89 28.12 -11.22 -7.59
CA GLY D 89 27.02 -11.63 -8.44
C GLY D 89 25.99 -12.45 -7.70
N ILE D 90 26.44 -13.35 -6.83
CA ILE D 90 25.49 -14.17 -6.08
C ILE D 90 24.64 -13.28 -5.18
N ILE D 91 25.27 -12.33 -4.48
CA ILE D 91 24.50 -11.40 -3.66
C ILE D 91 23.66 -10.48 -4.53
N GLY D 92 24.26 -9.96 -5.61
CA GLY D 92 23.55 -9.03 -6.47
C GLY D 92 22.36 -9.65 -7.18
N ASN D 93 22.45 -10.94 -7.52
CA ASN D 93 21.38 -11.61 -8.25
C ASN D 93 20.48 -12.45 -7.34
N SER D 94 20.99 -12.91 -6.20
CA SER D 94 20.10 -13.57 -5.23
C SER D 94 19.28 -12.54 -4.47
N THR D 95 19.84 -11.35 -4.23
CA THR D 95 19.08 -10.30 -3.56
C THR D 95 18.08 -9.63 -4.50
N LEU D 96 18.25 -9.79 -5.81
CA LEU D 96 17.22 -9.37 -6.75
C LEU D 96 16.08 -10.38 -6.79
N LEU D 97 16.40 -11.66 -6.60
CA LEU D 97 15.34 -12.68 -6.51
C LEU D 97 14.57 -12.53 -5.21
N ARG D 98 15.27 -12.31 -4.09
CA ARG D 98 14.60 -12.13 -2.82
C ARG D 98 13.63 -10.96 -2.86
N ILE D 99 14.01 -9.88 -3.55
CA ILE D 99 13.13 -8.73 -3.67
C ILE D 99 11.84 -9.10 -4.39
N ILE D 100 11.96 -9.74 -5.55
CA ILE D 100 10.78 -10.04 -6.36
C ILE D 100 9.90 -11.06 -5.65
N TYR D 101 10.51 -12.11 -5.10
CA TYR D 101 9.74 -13.21 -4.54
C TYR D 101 9.01 -12.83 -3.26
N LYS D 102 9.31 -11.68 -2.66
CA LYS D 102 8.70 -11.27 -1.40
C LYS D 102 7.59 -10.26 -1.56
N ASN D 103 7.63 -9.42 -2.59
CA ASN D 103 6.63 -8.38 -2.80
C ASN D 103 5.68 -8.81 -3.90
N LYS D 104 4.41 -9.00 -3.53
CA LYS D 104 3.41 -9.41 -4.52
C LYS D 104 3.18 -8.34 -5.57
N CYS D 105 3.15 -7.07 -5.15
CA CYS D 105 2.83 -6.00 -6.09
C CYS D 105 3.88 -5.86 -7.19
N MET D 106 5.11 -6.32 -6.95
CA MET D 106 6.14 -6.25 -7.96
C MET D 106 5.98 -7.30 -9.06
N ARG D 107 5.05 -8.25 -8.89
CA ARG D 107 4.88 -9.33 -9.85
C ARG D 107 3.87 -8.89 -10.92
N ASN D 108 4.38 -8.18 -11.91
CA ASN D 108 3.62 -7.81 -13.10
C ASN D 108 4.29 -8.43 -14.32
N GLY D 109 3.82 -8.06 -15.51
CA GLY D 109 4.31 -8.65 -16.73
C GLY D 109 5.83 -8.59 -16.86
N PRO D 110 6.37 -7.38 -17.02
CA PRO D 110 7.82 -7.26 -17.21
C PRO D 110 8.65 -7.79 -16.06
N ASN D 111 8.18 -7.65 -14.81
CA ASN D 111 9.00 -8.10 -13.68
C ASN D 111 9.18 -9.62 -13.64
N ILE D 112 8.30 -10.37 -14.30
CA ILE D 112 8.53 -11.81 -14.40
C ILE D 112 9.77 -12.08 -15.25
N LEU D 113 9.96 -11.29 -16.31
CA LEU D 113 11.13 -11.45 -17.15
C LEU D 113 12.41 -11.14 -16.39
N ILE D 114 12.41 -10.08 -15.59
CA ILE D 114 13.59 -9.76 -14.79
C ILE D 114 13.98 -10.97 -13.94
N ALA D 115 12.99 -11.67 -13.38
CA ALA D 115 13.28 -12.92 -12.69
C ALA D 115 13.89 -13.93 -13.64
N SER D 116 13.51 -13.91 -14.92
CA SER D 116 14.13 -14.79 -15.89
C SER D 116 15.56 -14.35 -16.20
N LEU D 117 15.76 -13.06 -16.42
CA LEU D 117 17.11 -12.56 -16.68
C LEU D 117 18.00 -12.79 -15.46
N ALA D 118 17.50 -12.52 -14.27
CA ALA D 118 18.29 -12.76 -13.06
C ALA D 118 18.51 -14.25 -12.84
N LEU D 119 17.45 -15.05 -12.97
CA LEU D 119 17.59 -16.48 -12.73
C LEU D 119 18.58 -17.10 -13.70
N GLY D 120 18.52 -16.71 -14.96
CA GLY D 120 19.49 -17.18 -15.95
C GLY D 120 20.87 -16.56 -15.79
N ASP D 121 21.05 -15.68 -14.82
CA ASP D 121 22.33 -15.04 -14.57
C ASP D 121 23.05 -15.62 -13.36
N LEU D 122 22.33 -16.25 -12.44
CA LEU D 122 22.98 -17.03 -11.38
C LEU D 122 23.54 -18.34 -11.95
N LEU D 123 22.80 -18.98 -12.85
CA LEU D 123 23.31 -20.19 -13.47
C LEU D 123 24.61 -19.93 -14.22
N HIS D 124 24.65 -18.86 -15.02
CA HIS D 124 25.83 -18.58 -15.81
C HIS D 124 27.03 -18.27 -14.92
N ILE D 125 26.83 -17.49 -13.86
CA ILE D 125 27.92 -17.19 -12.95
C ILE D 125 28.45 -18.47 -12.33
N VAL D 126 27.54 -19.31 -11.80
CA VAL D 126 27.96 -20.51 -11.07
C VAL D 126 28.64 -21.50 -11.99
N ILE D 127 28.21 -21.58 -13.25
CA ILE D 127 28.74 -22.56 -14.19
C ILE D 127 29.88 -22.00 -15.04
N ASP D 128 30.41 -20.83 -14.67
CA ASP D 128 31.53 -20.23 -15.38
C ASP D 128 32.77 -20.09 -14.52
N ILE D 129 32.63 -19.50 -13.33
CA ILE D 129 33.79 -19.16 -12.50
C ILE D 129 34.43 -20.41 -11.93
N PRO D 130 33.72 -21.24 -11.16
CA PRO D 130 34.41 -22.35 -10.47
C PRO D 130 35.08 -23.33 -11.43
N ILE D 131 34.52 -23.57 -12.61
CA ILE D 131 35.11 -24.52 -13.54
C ILE D 131 36.14 -23.88 -14.45
N ASN D 132 36.09 -22.55 -14.63
CA ASN D 132 37.13 -21.87 -15.39
C ASN D 132 38.26 -21.37 -14.50
N VAL D 133 37.95 -20.97 -13.26
CA VAL D 133 39.01 -20.69 -12.30
C VAL D 133 39.81 -21.95 -12.00
N TYR D 134 39.12 -23.07 -11.82
CA TYR D 134 39.80 -24.32 -11.52
C TYR D 134 40.75 -24.70 -12.65
N LYS D 135 40.34 -24.49 -13.89
CA LYS D 135 41.26 -24.71 -15.02
C LYS D 135 42.47 -23.79 -14.93
N LEU D 136 42.25 -22.53 -14.57
CA LEU D 136 43.34 -21.57 -14.50
C LEU D 136 44.37 -21.98 -13.46
N LEU D 137 44.02 -22.86 -12.54
CA LEU D 137 44.91 -23.29 -11.47
C LEU D 137 45.28 -24.76 -11.58
N ALA D 138 44.30 -25.66 -11.64
CA ALA D 138 44.60 -27.09 -11.59
C ALA D 138 45.17 -27.58 -12.93
N GLU D 139 44.57 -27.17 -14.05
CA GLU D 139 44.97 -27.64 -15.37
C GLU D 139 44.80 -29.16 -15.47
N ASP D 140 43.55 -29.60 -15.29
CA ASP D 140 43.22 -31.02 -15.37
C ASP D 140 41.70 -31.14 -15.34
N TRP D 141 41.21 -32.31 -15.76
CA TRP D 141 39.77 -32.58 -15.87
C TRP D 141 39.45 -33.89 -15.17
N PRO D 142 39.40 -33.89 -13.84
CA PRO D 142 39.09 -35.11 -13.10
C PRO D 142 37.59 -35.31 -12.88
N PHE D 143 36.77 -34.55 -13.60
CA PHE D 143 35.33 -34.54 -13.36
C PHE D 143 34.62 -35.77 -13.93
N GLY D 144 35.31 -36.60 -14.69
CA GLY D 144 34.69 -37.75 -15.33
C GLY D 144 34.21 -37.44 -16.74
N ALA D 145 33.79 -38.51 -17.43
CA ALA D 145 33.38 -38.39 -18.82
C ALA D 145 32.01 -37.73 -18.96
N GLU D 146 31.09 -37.98 -18.03
CA GLU D 146 29.74 -37.47 -18.16
C GLU D 146 29.72 -35.94 -18.12
N MET D 147 30.34 -35.34 -17.10
CA MET D 147 30.27 -33.90 -16.93
C MET D 147 30.98 -33.15 -18.05
N CYS D 148 31.90 -33.79 -18.77
CA CYS D 148 32.50 -33.16 -19.93
C CYS D 148 31.45 -32.80 -20.98
N LYS D 149 30.30 -33.47 -20.94
CA LYS D 149 29.17 -33.14 -21.80
C LYS D 149 28.08 -32.36 -21.08
N LEU D 150 28.21 -32.18 -19.76
CA LEU D 150 27.17 -31.52 -18.97
C LEU D 150 27.50 -30.07 -18.68
N VAL D 151 28.66 -29.81 -18.06
CA VAL D 151 29.03 -28.44 -17.72
C VAL D 151 29.05 -27.54 -18.95
N PRO D 152 29.74 -27.89 -20.04
CA PRO D 152 29.69 -27.04 -21.23
C PRO D 152 28.32 -26.92 -21.84
N PHE D 153 27.42 -27.88 -21.58
CA PHE D 153 26.06 -27.77 -22.09
C PHE D 153 25.25 -26.73 -21.32
N ILE D 154 25.39 -26.72 -20.00
CA ILE D 154 24.55 -25.85 -19.18
C ILE D 154 24.82 -24.39 -19.48
N GLN D 155 26.11 -24.01 -19.47
CA GLN D 155 26.56 -22.62 -19.69
C GLN D 155 26.06 -22.08 -21.04
N LYS D 156 25.99 -22.90 -22.09
CA LYS D 156 25.42 -22.47 -23.37
C LYS D 156 23.92 -22.25 -23.25
N ALA D 157 23.24 -23.07 -22.47
CA ALA D 157 21.84 -22.80 -22.17
C ALA D 157 21.69 -21.51 -21.38
N SER D 158 22.45 -21.38 -20.29
CA SER D 158 22.31 -20.20 -19.43
C SER D 158 22.55 -18.92 -20.22
N VAL D 159 23.56 -18.92 -21.09
CA VAL D 159 23.77 -17.75 -21.93
C VAL D 159 22.60 -17.52 -22.86
N GLY D 160 21.86 -18.58 -23.20
CA GLY D 160 20.68 -18.41 -24.03
C GLY D 160 19.57 -17.64 -23.34
N ILE D 161 19.29 -17.97 -22.08
CA ILE D 161 18.26 -17.26 -21.33
C ILE D 161 18.66 -15.80 -21.14
N THR D 162 19.92 -15.54 -20.82
CA THR D 162 20.34 -14.18 -20.53
C THR D 162 20.13 -13.26 -21.72
N VAL D 163 20.42 -13.75 -22.92
CA VAL D 163 20.26 -12.90 -24.10
C VAL D 163 18.82 -12.87 -24.58
N LEU D 164 18.11 -13.99 -24.43
CA LEU D 164 16.68 -13.98 -24.78
C LEU D 164 15.88 -13.13 -23.82
N SER D 165 16.16 -13.25 -22.52
CA SER D 165 15.47 -12.42 -21.53
C SER D 165 15.76 -10.94 -21.77
N LEU D 166 17.02 -10.61 -22.06
CA LEU D 166 17.36 -9.24 -22.42
C LEU D 166 16.64 -8.78 -23.68
N CYS D 167 16.18 -9.73 -24.51
CA CYS D 167 15.38 -9.37 -25.67
C CYS D 167 13.90 -9.28 -25.32
N ALA D 168 13.40 -10.25 -24.55
CA ALA D 168 12.02 -10.18 -24.09
C ALA D 168 11.79 -8.96 -23.21
N LEU D 169 12.73 -8.68 -22.30
CA LEU D 169 12.64 -7.45 -21.51
C LEU D 169 12.68 -6.23 -22.41
N SER D 170 13.39 -6.32 -23.54
CA SER D 170 13.56 -5.15 -24.39
C SER D 170 12.25 -4.74 -25.06
N ILE D 171 11.41 -5.72 -25.38
CA ILE D 171 10.16 -5.40 -26.07
C ILE D 171 9.20 -4.70 -25.12
N ASP D 172 9.20 -5.10 -23.85
CA ASP D 172 8.31 -4.48 -22.87
C ASP D 172 8.63 -3.00 -22.71
N ARG D 173 9.91 -2.63 -22.69
CA ARG D 173 10.28 -1.23 -22.57
C ARG D 173 9.80 -0.43 -23.78
N TYR D 174 9.46 -1.09 -24.88
CA TYR D 174 8.79 -0.45 -26.00
C TYR D 174 7.28 -0.54 -25.89
N ARG D 175 6.76 -1.74 -25.60
CA ARG D 175 5.32 -1.88 -25.37
C ARG D 175 4.84 -0.87 -24.34
N ALA D 176 5.62 -0.67 -23.28
CA ALA D 176 5.20 0.22 -22.20
C ALA D 176 5.01 1.65 -22.70
N VAL D 177 5.94 2.14 -23.51
CA VAL D 177 5.90 3.54 -23.92
C VAL D 177 4.98 3.75 -25.12
N ALA D 178 5.02 2.85 -26.10
CA ALA D 178 4.20 3.02 -27.30
C ALA D 178 2.78 2.53 -27.07
N SER D 179 2.62 1.28 -26.65
CA SER D 179 1.30 0.70 -26.40
C SER D 179 0.94 0.81 -24.92
N TRP D 180 0.82 2.05 -24.45
CA TRP D 180 0.55 2.28 -23.03
C TRP D 180 -0.87 1.86 -22.66
N SER D 181 -1.84 2.05 -23.56
CA SER D 181 -3.24 1.81 -23.22
C SER D 181 -3.48 0.34 -22.89
N ARG D 182 -2.92 -0.56 -23.69
CA ARG D 182 -3.24 -1.99 -23.57
C ARG D 182 -2.31 -2.72 -22.63
N ILE D 183 -1.07 -2.24 -22.44
CA ILE D 183 -0.10 -2.99 -21.65
C ILE D 183 -0.58 -3.14 -20.22
N LYS D 184 -1.22 -2.10 -19.67
CA LYS D 184 -1.73 -2.13 -18.30
C LYS D 184 -3.00 -2.97 -18.26
N GLY D 185 -2.82 -4.28 -18.44
CA GLY D 185 -3.92 -5.22 -18.43
C GLY D 185 -3.85 -6.19 -17.26
N ILE D 186 -3.53 -7.45 -17.55
CA ILE D 186 -3.45 -8.48 -16.52
C ILE D 186 -2.09 -8.40 -15.85
N GLY D 187 -2.03 -8.82 -14.58
CA GLY D 187 -0.78 -8.77 -13.86
C GLY D 187 0.29 -9.64 -14.47
N VAL D 188 -0.08 -10.88 -14.82
CA VAL D 188 0.85 -11.82 -15.46
C VAL D 188 0.17 -12.33 -16.73
N PRO D 189 0.20 -11.56 -17.82
CA PRO D 189 -0.53 -11.98 -19.02
C PRO D 189 -0.08 -13.36 -19.50
N LYS D 190 -1.04 -14.13 -19.99
CA LYS D 190 -0.73 -15.48 -20.45
C LYS D 190 0.33 -15.47 -21.54
N TRP D 191 0.44 -14.39 -22.31
CA TRP D 191 1.44 -14.32 -23.36
C TRP D 191 2.84 -14.46 -22.78
N THR D 192 3.13 -13.72 -21.71
CA THR D 192 4.44 -13.84 -21.08
C THR D 192 4.66 -15.23 -20.53
N ALA D 193 3.63 -15.82 -19.91
CA ALA D 193 3.75 -17.17 -19.39
C ALA D 193 4.12 -18.16 -20.49
N VAL D 194 3.71 -17.88 -21.72
CA VAL D 194 4.07 -18.72 -22.86
C VAL D 194 5.25 -18.16 -23.65
N GLU D 195 5.51 -16.86 -23.55
CA GLU D 195 6.73 -16.31 -24.13
C GLU D 195 7.96 -16.88 -23.42
N ILE D 196 7.91 -16.97 -22.10
CA ILE D 196 9.05 -17.48 -21.34
C ILE D 196 9.29 -18.94 -21.64
N VAL D 197 8.22 -19.75 -21.65
CA VAL D 197 8.38 -21.19 -21.82
C VAL D 197 9.16 -21.49 -23.10
N LEU D 198 8.83 -20.80 -24.19
CA LEU D 198 9.61 -20.96 -25.41
C LEU D 198 11.06 -20.56 -25.19
N ILE D 199 11.28 -19.44 -24.51
CA ILE D 199 12.64 -18.89 -24.37
C ILE D 199 13.54 -19.88 -23.66
N TRP D 200 13.06 -20.46 -22.55
CA TRP D 200 13.88 -21.43 -21.83
C TRP D 200 13.97 -22.75 -22.57
N VAL D 201 12.86 -23.18 -23.19
CA VAL D 201 12.88 -24.44 -23.92
C VAL D 201 13.71 -24.33 -25.19
N VAL D 202 13.60 -23.19 -25.89
CA VAL D 202 14.41 -22.98 -27.08
C VAL D 202 15.89 -22.97 -26.71
N SER D 203 16.25 -22.28 -25.63
CA SER D 203 17.65 -22.20 -25.24
C SER D 203 18.24 -23.58 -24.98
N VAL D 204 17.58 -24.38 -24.14
CA VAL D 204 18.09 -25.71 -23.84
C VAL D 204 18.15 -26.57 -25.10
N VAL D 205 17.27 -26.29 -26.06
CA VAL D 205 17.31 -27.02 -27.33
C VAL D 205 18.55 -26.63 -28.12
N LEU D 206 18.83 -25.33 -28.22
CA LEU D 206 19.95 -24.86 -29.03
C LEU D 206 21.29 -25.30 -28.48
N ALA D 207 21.38 -25.60 -27.19
CA ALA D 207 22.62 -26.10 -26.60
C ALA D 207 22.73 -27.61 -26.65
N VAL D 208 21.73 -28.29 -27.23
CA VAL D 208 21.81 -29.75 -27.36
C VAL D 208 23.09 -30.17 -28.07
N PRO D 209 23.51 -29.55 -29.18
CA PRO D 209 24.68 -30.06 -29.90
C PRO D 209 25.92 -30.19 -29.03
N GLU D 210 26.14 -29.26 -28.11
CA GLU D 210 27.38 -29.27 -27.32
C GLU D 210 27.50 -30.56 -26.52
N ALA D 211 26.41 -31.00 -25.89
CA ALA D 211 26.47 -32.22 -25.10
C ALA D 211 26.87 -33.41 -25.96
N ILE D 212 26.28 -33.53 -27.15
CA ILE D 212 26.60 -34.64 -28.04
C ILE D 212 28.06 -34.56 -28.49
N GLY D 213 28.46 -33.38 -28.97
CA GLY D 213 29.77 -33.27 -29.61
C GLY D 213 30.94 -33.47 -28.66
N PHE D 214 30.87 -32.87 -27.47
CA PHE D 214 32.02 -32.86 -26.59
C PHE D 214 32.38 -34.26 -26.12
N ASP D 215 33.68 -34.52 -26.00
CA ASP D 215 34.18 -35.81 -25.55
C ASP D 215 35.62 -35.64 -25.09
N ILE D 216 36.03 -36.47 -24.13
CA ILE D 216 37.39 -36.46 -23.64
C ILE D 216 38.24 -37.38 -24.51
N ILE D 217 39.56 -37.14 -24.51
CA ILE D 217 40.50 -37.90 -25.30
C ILE D 217 41.69 -38.26 -24.43
N THR D 218 42.62 -39.01 -25.02
CA THR D 218 43.89 -39.36 -24.38
C THR D 218 45.03 -38.87 -25.27
N MET D 219 46.07 -38.32 -24.64
CA MET D 219 47.15 -37.71 -25.40
C MET D 219 48.39 -37.64 -24.52
N ASP D 220 49.54 -37.53 -25.19
CA ASP D 220 50.83 -37.30 -24.55
C ASP D 220 51.44 -36.02 -25.13
N TYR D 221 52.04 -35.21 -24.25
CA TYR D 221 52.58 -33.92 -24.65
C TYR D 221 53.87 -33.67 -23.87
N LYS D 222 54.98 -33.51 -24.59
CA LYS D 222 56.28 -33.21 -23.98
C LYS D 222 56.60 -34.23 -22.88
N GLY D 223 56.24 -35.49 -23.13
CA GLY D 223 56.43 -36.52 -22.14
C GLY D 223 55.42 -36.51 -21.01
N SER D 224 54.41 -35.65 -21.09
CA SER D 224 53.39 -35.51 -20.04
C SER D 224 52.06 -35.99 -20.60
N TYR D 225 51.45 -36.95 -19.92
CA TYR D 225 50.17 -37.48 -20.36
C TYR D 225 49.04 -36.56 -19.91
N LEU D 226 48.05 -36.38 -20.78
CA LEU D 226 47.01 -35.39 -20.54
C LEU D 226 45.68 -35.88 -21.08
N ARG D 227 44.60 -35.35 -20.52
CA ARG D 227 43.25 -35.53 -21.02
C ARG D 227 42.59 -34.16 -21.16
N ILE D 228 41.86 -33.95 -22.24
CA ILE D 228 41.22 -32.67 -22.52
C ILE D 228 39.77 -32.90 -22.90
N CYS D 229 38.86 -32.17 -22.24
CA CYS D 229 37.48 -32.08 -22.68
C CYS D 229 37.38 -31.06 -23.80
N LEU D 230 36.85 -31.46 -24.94
CA LEU D 230 36.82 -30.58 -26.11
C LEU D 230 35.84 -31.15 -27.13
N LEU D 231 35.73 -30.46 -28.26
CA LEU D 231 34.86 -30.84 -29.37
C LEU D 231 35.72 -31.52 -30.43
N HIS D 232 35.55 -32.83 -30.57
CA HIS D 232 36.50 -33.62 -31.34
C HIS D 232 36.49 -33.17 -32.80
N PRO D 233 37.66 -32.88 -33.40
CA PRO D 233 37.68 -32.39 -34.79
C PRO D 233 37.19 -33.39 -35.84
N VAL D 234 36.92 -34.64 -35.47
CA VAL D 234 36.60 -35.68 -36.44
C VAL D 234 35.12 -36.02 -36.29
N GLN D 235 34.32 -35.01 -35.98
CA GLN D 235 32.88 -35.17 -35.73
C GLN D 235 32.26 -36.13 -36.73
N LYS D 236 31.27 -36.91 -36.28
CA LYS D 236 30.79 -38.05 -37.04
C LYS D 236 29.87 -37.65 -38.18
N THR D 237 28.71 -37.07 -37.86
CA THR D 237 27.69 -36.80 -38.86
C THR D 237 27.92 -35.46 -39.53
N ALA D 238 27.30 -35.31 -40.71
CA ALA D 238 27.48 -34.07 -41.48
C ALA D 238 26.92 -32.87 -40.74
N PHE D 239 25.76 -33.02 -40.12
CA PHE D 239 25.18 -31.92 -39.36
C PHE D 239 26.15 -31.41 -38.31
N MET D 240 26.69 -32.31 -37.49
CA MET D 240 27.63 -31.91 -36.46
C MET D 240 29.00 -31.59 -37.05
N GLN D 241 29.37 -32.21 -38.16
CA GLN D 241 30.64 -31.87 -38.80
C GLN D 241 30.64 -30.41 -39.23
N PHE D 242 29.52 -29.94 -39.80
CA PHE D 242 29.39 -28.52 -40.05
C PHE D 242 29.39 -27.73 -38.75
N TYR D 243 28.89 -28.32 -37.67
CA TYR D 243 28.84 -27.64 -36.39
C TYR D 243 30.24 -27.27 -35.91
N LYS D 244 31.19 -28.22 -36.00
CA LYS D 244 32.53 -27.96 -35.50
C LYS D 244 33.19 -26.81 -36.24
N THR D 245 32.97 -26.70 -37.55
CA THR D 245 33.54 -25.61 -38.33
C THR D 245 32.67 -24.37 -38.34
N ALA D 246 31.57 -24.36 -37.57
CA ALA D 246 30.66 -23.23 -37.52
C ALA D 246 30.36 -22.75 -36.11
N LYS D 247 30.66 -23.53 -35.07
CA LYS D 247 30.33 -23.12 -33.72
C LYS D 247 30.89 -21.74 -33.40
N ASP D 248 32.16 -21.52 -33.69
CA ASP D 248 32.79 -20.25 -33.34
C ASP D 248 32.18 -19.09 -34.12
N TRP D 249 31.41 -19.37 -35.16
CA TRP D 249 30.63 -18.35 -35.86
C TRP D 249 29.16 -18.37 -35.47
N TRP D 250 28.65 -19.52 -35.04
CA TRP D 250 27.29 -19.58 -34.52
C TRP D 250 27.16 -18.77 -33.24
N LEU D 251 28.05 -19.03 -32.27
CA LEU D 251 27.95 -18.33 -30.98
C LEU D 251 28.02 -16.82 -31.17
N PHE D 252 29.01 -16.36 -31.94
CA PHE D 252 29.13 -14.93 -32.18
C PHE D 252 27.92 -14.36 -32.92
N SER D 253 27.12 -15.20 -33.57
CA SER D 253 25.99 -14.73 -34.36
C SER D 253 24.69 -14.75 -33.55
N PHE D 254 24.29 -15.93 -33.07
CA PHE D 254 23.01 -16.04 -32.38
C PHE D 254 23.03 -15.35 -31.03
N TYR D 255 24.11 -15.49 -30.28
CA TYR D 255 24.13 -15.08 -28.88
C TYR D 255 24.70 -13.69 -28.64
N PHE D 256 25.42 -13.11 -29.60
CA PHE D 256 25.96 -11.77 -29.43
C PHE D 256 25.40 -10.77 -30.44
N CYS D 257 25.51 -11.07 -31.74
CA CYS D 257 25.06 -10.12 -32.75
C CYS D 257 23.55 -9.97 -32.74
N LEU D 258 22.82 -11.07 -32.55
CA LEU D 258 21.36 -10.99 -32.58
C LEU D 258 20.80 -10.18 -31.41
N PRO D 259 21.12 -10.49 -30.15
CA PRO D 259 20.57 -9.66 -29.05
C PRO D 259 20.94 -8.20 -29.17
N LEU D 260 22.16 -7.88 -29.58
CA LEU D 260 22.51 -6.50 -29.83
C LEU D 260 21.77 -5.92 -31.02
N ALA D 261 21.31 -6.77 -31.93
CA ALA D 261 20.44 -6.30 -33.01
C ALA D 261 19.04 -6.04 -32.49
N ILE D 262 18.52 -6.92 -31.63
CA ILE D 262 17.15 -6.77 -31.14
C ILE D 262 17.08 -5.71 -30.06
N THR D 263 17.81 -5.91 -28.96
CA THR D 263 17.68 -5.00 -27.82
C THR D 263 18.00 -3.57 -28.23
N ALA D 264 19.01 -3.37 -29.09
CA ALA D 264 19.27 -2.05 -29.61
C ALA D 264 18.16 -1.53 -30.51
N PHE D 265 17.33 -2.43 -31.04
CA PHE D 265 16.26 -2.02 -31.95
C PHE D 265 15.07 -1.45 -31.17
N PHE D 266 14.47 -2.26 -30.30
CA PHE D 266 13.32 -1.78 -29.54
C PHE D 266 13.68 -0.61 -28.65
N TYR D 267 14.85 -0.65 -28.02
CA TYR D 267 15.32 0.51 -27.26
C TYR D 267 15.56 1.72 -28.15
N THR D 268 15.80 1.52 -29.44
CA THR D 268 15.95 2.64 -30.41
C THR D 268 14.56 3.23 -30.65
N LEU D 269 13.50 2.40 -30.67
CA LEU D 269 12.15 2.88 -30.93
C LEU D 269 11.49 3.39 -29.66
N MET D 270 11.91 2.92 -28.49
CA MET D 270 11.37 3.42 -27.24
C MET D 270 11.77 4.87 -27.01
N THR D 271 13.07 5.16 -27.14
CA THR D 271 13.51 6.54 -26.94
C THR D 271 12.89 7.47 -27.97
N CYS D 272 12.77 7.01 -29.22
CA CYS D 272 12.08 7.80 -30.23
C CYS D 272 10.64 8.06 -29.84
N GLU D 273 9.96 7.03 -29.30
CA GLU D 273 8.57 7.21 -28.86
C GLU D 273 8.50 8.08 -27.61
N MET D 274 9.37 7.83 -26.62
CA MET D 274 9.36 8.65 -25.41
C MET D 274 9.59 10.11 -25.74
N LEU D 275 10.56 10.40 -26.60
CA LEU D 275 10.86 11.77 -26.99
C LEU D 275 10.54 11.98 -28.46
N LEU D 289 10.01 17.85 -18.38
CA LEU D 289 10.03 16.49 -18.91
C LEU D 289 11.47 16.07 -19.24
N LYS D 290 12.42 16.54 -18.43
CA LYS D 290 13.82 16.18 -18.59
C LYS D 290 14.17 14.87 -17.89
N GLN D 291 13.28 14.35 -17.05
CA GLN D 291 13.53 13.07 -16.40
C GLN D 291 13.60 11.93 -17.40
N ARG D 292 12.69 11.92 -18.38
CA ARG D 292 12.66 10.83 -19.34
C ARG D 292 13.97 10.71 -20.11
N ARG D 293 14.74 11.80 -20.18
CA ARG D 293 16.04 11.73 -20.84
C ARG D 293 16.98 10.79 -20.11
N GLU D 294 17.08 10.91 -18.78
CA GLU D 294 17.93 10.01 -18.01
C GLU D 294 17.46 8.56 -18.09
N VAL D 295 16.20 8.33 -18.47
CA VAL D 295 15.72 6.97 -18.66
C VAL D 295 16.43 6.33 -19.83
N ALA D 296 16.70 7.10 -20.89
CA ALA D 296 17.44 6.58 -22.02
C ALA D 296 18.83 6.12 -21.60
N LYS D 297 19.54 6.95 -20.84
CA LYS D 297 20.90 6.61 -20.44
C LYS D 297 20.93 5.32 -19.62
N THR D 298 19.84 5.02 -18.90
CA THR D 298 19.75 3.73 -18.24
C THR D 298 19.80 2.60 -19.25
N VAL D 299 19.37 2.86 -20.48
CA VAL D 299 19.42 1.89 -21.56
C VAL D 299 20.66 2.07 -22.42
N PHE D 300 21.01 3.33 -22.73
CA PHE D 300 22.19 3.59 -23.53
C PHE D 300 23.43 2.96 -22.92
N CYS D 301 23.44 2.82 -21.59
CA CYS D 301 24.54 2.16 -20.90
C CYS D 301 24.35 0.65 -20.83
N LEU D 302 23.13 0.17 -20.58
CA LEU D 302 22.91 -1.25 -20.40
C LEU D 302 23.30 -2.02 -21.67
N VAL D 303 22.91 -1.51 -22.84
CA VAL D 303 23.35 -2.14 -24.09
C VAL D 303 24.84 -1.95 -24.28
N LEU D 304 25.36 -0.77 -23.92
CA LEU D 304 26.78 -0.51 -24.09
C LEU D 304 27.62 -1.44 -23.22
N VAL D 305 27.22 -1.64 -21.96
CA VAL D 305 27.96 -2.54 -21.07
C VAL D 305 27.68 -4.00 -21.36
N PHE D 306 26.86 -4.29 -22.37
CA PHE D 306 26.73 -5.67 -22.84
C PHE D 306 27.77 -5.99 -23.88
N ALA D 307 28.09 -5.03 -24.75
CA ALA D 307 29.11 -5.24 -25.76
C ALA D 307 30.52 -5.14 -25.17
N LEU D 308 30.72 -4.30 -24.17
CA LEU D 308 32.04 -4.17 -23.56
C LEU D 308 32.37 -5.34 -22.67
N CYS D 309 31.38 -6.10 -22.22
CA CYS D 309 31.60 -7.26 -21.38
C CYS D 309 31.60 -8.57 -22.15
N TRP D 310 31.14 -8.57 -23.40
CA TRP D 310 31.07 -9.80 -24.19
C TRP D 310 31.98 -9.79 -25.41
N LEU D 311 32.38 -8.62 -25.89
CA LEU D 311 33.22 -8.58 -27.09
C LEU D 311 34.53 -9.34 -26.91
N PRO D 312 35.28 -9.17 -25.81
CA PRO D 312 36.51 -9.95 -25.64
C PRO D 312 36.37 -11.44 -25.89
N LEU D 313 35.46 -12.10 -25.17
CA LEU D 313 35.40 -13.57 -25.25
C LEU D 313 35.21 -14.03 -26.68
N HIS D 314 34.19 -13.51 -27.37
CA HIS D 314 34.03 -13.85 -28.78
C HIS D 314 35.26 -13.44 -29.57
N LEU D 315 35.79 -12.24 -29.30
CA LEU D 315 37.01 -11.80 -29.97
C LEU D 315 38.14 -12.79 -29.75
N SER D 316 38.20 -13.41 -28.57
CA SER D 316 39.25 -14.40 -28.31
C SER D 316 39.11 -15.61 -29.22
N ARG D 317 37.89 -16.10 -29.40
CA ARG D 317 37.68 -17.28 -30.23
C ARG D 317 37.80 -16.95 -31.71
N ILE D 318 37.33 -15.77 -32.11
CA ILE D 318 37.42 -15.37 -33.51
C ILE D 318 38.87 -15.28 -33.95
N LEU D 319 39.73 -14.68 -33.12
CA LEU D 319 41.13 -14.56 -33.47
C LEU D 319 41.78 -15.93 -33.63
N LYS D 320 41.42 -16.88 -32.76
CA LYS D 320 41.97 -18.21 -32.88
C LYS D 320 41.63 -18.83 -34.23
N LEU D 321 40.36 -18.75 -34.63
CA LEU D 321 39.94 -19.34 -35.89
C LEU D 321 40.63 -18.69 -37.07
N THR D 322 40.95 -17.40 -36.97
CA THR D 322 41.45 -16.64 -38.11
C THR D 322 42.97 -16.50 -38.11
N LEU D 323 43.56 -15.98 -37.03
CA LEU D 323 44.98 -15.68 -36.99
C LEU D 323 45.84 -16.89 -36.64
N TYR D 324 45.24 -18.05 -36.38
CA TYR D 324 46.01 -19.26 -36.11
C TYR D 324 46.38 -19.94 -37.41
N ASN D 325 47.59 -20.51 -37.44
CA ASN D 325 48.07 -21.25 -38.61
C ASN D 325 49.10 -22.26 -38.12
N GLN D 326 48.71 -23.54 -38.08
CA GLN D 326 49.61 -24.56 -37.57
C GLN D 326 50.89 -24.67 -38.38
N ASN D 327 50.91 -24.14 -39.61
CA ASN D 327 52.09 -24.22 -40.46
C ASN D 327 53.10 -23.11 -40.17
N ASP D 328 52.82 -22.21 -39.23
CA ASP D 328 53.74 -21.14 -38.89
C ASP D 328 54.54 -21.53 -37.65
N PRO D 329 55.87 -21.66 -37.74
CA PRO D 329 56.64 -22.07 -36.55
C PRO D 329 56.51 -21.13 -35.37
N ASN D 330 56.15 -19.87 -35.60
CA ASN D 330 56.04 -18.86 -34.55
C ASN D 330 54.64 -18.76 -33.98
N ARG D 331 53.89 -19.86 -33.98
CA ARG D 331 52.47 -19.85 -33.62
C ARG D 331 52.24 -19.98 -32.12
N CYS D 332 53.03 -20.81 -31.43
CA CYS D 332 52.72 -21.14 -30.05
C CYS D 332 52.67 -19.92 -29.15
N GLU D 333 53.32 -18.82 -29.53
CA GLU D 333 53.19 -17.60 -28.75
C GLU D 333 51.77 -17.07 -28.80
N LEU D 334 51.12 -17.15 -29.96
CA LEU D 334 49.75 -16.68 -30.07
C LEU D 334 48.82 -17.50 -29.18
N LEU D 335 49.05 -18.81 -29.09
CA LEU D 335 48.22 -19.64 -28.22
C LEU D 335 48.32 -19.17 -26.77
N SER D 336 49.52 -18.79 -26.31
CA SER D 336 49.67 -18.30 -24.95
C SER D 336 48.88 -17.01 -24.74
N PHE D 337 48.90 -16.12 -25.73
CA PHE D 337 48.18 -14.85 -25.59
C PHE D 337 46.69 -15.08 -25.43
N LEU D 338 46.11 -16.00 -26.21
CA LEU D 338 44.68 -16.23 -26.14
C LEU D 338 44.26 -16.75 -24.78
N LEU D 339 45.12 -17.52 -24.12
CA LEU D 339 44.77 -18.05 -22.80
C LEU D 339 44.53 -16.91 -21.82
N VAL D 340 45.37 -15.87 -21.87
CA VAL D 340 45.14 -14.70 -21.01
C VAL D 340 43.85 -14.00 -21.43
N LEU D 341 43.68 -13.76 -22.73
CA LEU D 341 42.46 -13.10 -23.20
C LEU D 341 41.24 -13.97 -22.98
N ASP D 342 41.37 -15.29 -23.18
CA ASP D 342 40.24 -16.18 -22.97
C ASP D 342 39.82 -16.17 -21.51
N TYR D 343 40.78 -16.14 -20.59
CA TYR D 343 40.44 -16.23 -19.18
C TYR D 343 39.87 -14.92 -18.65
N ILE D 344 40.35 -13.78 -19.17
CA ILE D 344 39.73 -12.51 -18.83
C ILE D 344 38.27 -12.51 -19.27
N GLY D 345 37.99 -13.09 -20.42
CA GLY D 345 36.62 -13.08 -20.93
C GLY D 345 35.63 -13.70 -19.97
N ILE D 346 36.02 -14.80 -19.32
CA ILE D 346 35.13 -15.45 -18.37
C ILE D 346 34.79 -14.54 -17.20
N ASN D 347 35.60 -13.51 -16.96
CA ASN D 347 35.32 -12.54 -15.91
C ASN D 347 34.49 -11.37 -16.43
N MET D 348 34.94 -10.75 -17.52
CA MET D 348 34.18 -9.65 -18.11
C MET D 348 32.80 -10.12 -18.55
N ALA D 349 32.73 -11.29 -19.19
CA ALA D 349 31.44 -11.83 -19.59
C ALA D 349 30.57 -12.12 -18.36
N SER D 350 31.17 -12.68 -17.32
CA SER D 350 30.42 -12.93 -16.09
C SER D 350 30.06 -11.65 -15.37
N LEU D 351 30.79 -10.55 -15.62
CA LEU D 351 30.44 -9.29 -15.02
C LEU D 351 29.10 -8.79 -15.54
N ASN D 352 28.83 -8.96 -16.83
CA ASN D 352 27.57 -8.47 -17.41
C ASN D 352 26.38 -9.10 -16.70
N SER D 353 26.35 -10.43 -16.62
CA SER D 353 25.28 -11.09 -15.88
C SER D 353 25.24 -10.63 -14.43
N CYS D 354 26.36 -10.15 -13.91
CA CYS D 354 26.48 -9.66 -12.54
C CYS D 354 26.15 -8.18 -12.40
N ILE D 355 25.85 -7.49 -13.50
CA ILE D 355 25.70 -6.04 -13.48
C ILE D 355 24.27 -5.54 -13.59
N ASN D 356 23.33 -6.35 -14.06
CA ASN D 356 21.96 -5.87 -14.20
C ASN D 356 21.33 -5.54 -12.86
N PRO D 357 21.45 -6.35 -11.81
CA PRO D 357 20.87 -5.96 -10.52
C PRO D 357 21.41 -4.63 -10.02
N ILE D 358 22.68 -4.34 -10.27
CA ILE D 358 23.24 -3.04 -9.90
C ILE D 358 22.50 -1.93 -10.63
N ALA D 359 22.23 -2.14 -11.92
CA ALA D 359 21.55 -1.10 -12.70
C ALA D 359 20.16 -0.82 -12.18
N LEU D 360 19.55 -1.77 -11.47
CA LEU D 360 18.23 -1.53 -10.88
C LEU D 360 18.33 -0.72 -9.59
N TYR D 361 19.49 -0.73 -8.93
CA TYR D 361 19.65 0.03 -7.71
C TYR D 361 19.79 1.52 -7.99
N LEU D 362 20.37 1.87 -9.14
CA LEU D 362 20.64 3.27 -9.46
C LEU D 362 19.47 3.98 -10.12
N VAL D 363 18.43 3.27 -10.52
CA VAL D 363 17.31 3.88 -11.23
C VAL D 363 15.99 3.58 -10.54
N SER D 364 15.74 2.31 -10.26
CA SER D 364 14.46 1.88 -9.71
C SER D 364 14.42 2.19 -8.23
N LYS D 365 13.64 3.21 -7.85
CA LYS D 365 13.51 3.55 -6.44
C LYS D 365 12.77 2.45 -5.67
N ARG D 366 11.79 1.82 -6.31
CA ARG D 366 11.08 0.73 -5.65
C ARG D 366 12.02 -0.43 -5.36
N PHE D 367 12.91 -0.74 -6.30
CA PHE D 367 13.91 -1.77 -6.05
C PHE D 367 14.98 -1.28 -5.06
N LYS D 368 15.44 -0.05 -5.24
CA LYS D 368 16.45 0.49 -4.34
C LYS D 368 15.95 0.49 -2.90
N ASN D 369 14.73 0.98 -2.68
CA ASN D 369 14.14 0.92 -1.36
C ASN D 369 14.05 -0.53 -0.87
N CYS D 370 13.89 -1.48 -1.79
CA CYS D 370 13.94 -2.89 -1.42
C CYS D 370 15.37 -3.34 -1.19
N PHE D 371 16.33 -2.82 -1.97
CA PHE D 371 17.74 -3.15 -1.75
C PHE D 371 18.20 -2.63 -0.40
N LYS D 372 17.87 -1.37 -0.08
CA LYS D 372 18.25 -0.82 1.21
C LYS D 372 17.76 -1.70 2.34
N SER D 373 16.53 -2.19 2.24
CA SER D 373 15.98 -3.08 3.25
C SER D 373 16.58 -4.48 3.20
N CYS D 374 17.39 -4.79 2.18
CA CYS D 374 17.92 -6.13 1.99
C CYS D 374 19.44 -6.21 2.14
N LEU D 375 20.17 -5.15 1.81
CA LEU D 375 21.63 -5.16 1.84
C LEU D 375 22.23 -4.25 2.89
N CYS D 376 21.56 -3.15 3.25
CA CYS D 376 22.07 -2.27 4.29
C CYS D 376 21.74 -2.76 5.70
N CYS D 377 21.02 -3.87 5.82
CA CYS D 377 20.71 -4.44 7.12
C CYS D 377 20.41 -5.94 7.01
N CYS E 1 36.59 -25.37 -27.61
CA CYS E 1 37.99 -25.26 -28.13
C CYS E 1 38.32 -26.42 -29.06
N SER E 2 38.57 -26.12 -30.32
CA SER E 2 38.93 -27.14 -31.30
C SER E 2 39.61 -26.50 -32.49
N CYS E 3 40.27 -27.33 -33.28
CA CYS E 3 40.99 -26.88 -34.47
C CYS E 3 41.04 -28.04 -35.46
N SER E 4 41.93 -27.94 -36.45
CA SER E 4 41.95 -28.87 -37.58
C SER E 4 41.77 -30.32 -37.15
N SER E 5 42.70 -30.84 -36.37
CA SER E 5 42.65 -32.24 -35.95
C SER E 5 43.68 -32.44 -34.85
N LEU E 6 43.55 -33.59 -34.16
CA LEU E 6 44.49 -33.91 -33.10
C LEU E 6 45.87 -34.30 -33.61
N MET E 7 46.04 -34.37 -34.93
CA MET E 7 47.39 -34.56 -35.49
C MET E 7 48.35 -33.50 -34.97
N ASP E 8 47.87 -32.27 -34.77
CA ASP E 8 48.70 -31.18 -34.27
C ASP E 8 48.74 -31.27 -32.74
N LYS E 9 49.91 -31.64 -32.21
CA LYS E 9 50.03 -31.79 -30.76
C LYS E 9 49.83 -30.45 -30.05
N GLU E 10 50.43 -29.39 -30.56
CA GLU E 10 50.41 -28.12 -29.85
C GLU E 10 49.00 -27.59 -29.66
N CYS E 11 48.18 -27.63 -30.71
CA CYS E 11 46.85 -27.02 -30.63
C CYS E 11 46.01 -27.68 -29.56
N VAL E 12 46.06 -29.02 -29.46
CA VAL E 12 45.27 -29.70 -28.45
C VAL E 12 45.68 -29.25 -27.05
N TYR E 13 46.98 -29.12 -26.81
CA TYR E 13 47.44 -28.65 -25.50
C TYR E 13 46.84 -27.30 -25.17
N PHE E 14 46.60 -26.45 -26.16
CA PHE E 14 45.97 -25.16 -25.90
C PHE E 14 44.58 -25.35 -25.29
N CYS E 15 43.81 -26.30 -25.82
CA CYS E 15 42.50 -26.58 -25.24
C CYS E 15 42.63 -27.06 -23.79
N HIS E 16 43.77 -27.67 -23.45
CA HIS E 16 43.99 -28.09 -22.07
C HIS E 16 43.99 -26.89 -21.12
N LEU E 17 44.61 -25.79 -21.54
CA LEU E 17 44.77 -24.61 -20.70
C LEU E 17 43.70 -23.56 -20.93
N ASP E 18 42.69 -23.83 -21.76
CA ASP E 18 41.73 -22.83 -22.16
C ASP E 18 40.40 -23.02 -21.44
N ILE E 19 39.64 -21.92 -21.35
CA ILE E 19 38.34 -21.95 -20.70
C ILE E 19 37.44 -22.96 -21.38
N ILE E 20 36.50 -23.53 -20.61
CA ILE E 20 35.56 -24.51 -21.13
C ILE E 20 34.42 -23.76 -21.84
N TRP E 21 34.57 -23.59 -23.14
CA TRP E 21 33.61 -22.85 -23.94
C TRP E 21 33.59 -23.34 -25.37
#